data_3GUW
#
_entry.id   3GUW
#
_cell.length_a   40.069
_cell.length_b   72.192
_cell.length_c   89.163
_cell.angle_alpha   89.870
_cell.angle_beta   89.740
_cell.angle_gamma   82.730
#
_symmetry.space_group_name_H-M   'P 1'
#
loop_
_entity.id
_entity.type
_entity.pdbx_description
1 polymer 'uncharacterized protein AF_1765'
2 non-polymer 'ZINC ION'
#
_entity_poly.entity_id   1
_entity_poly.type   'polypeptide(L)'
_entity_poly.pdbx_seq_one_letter_code
;(MSE)YFDSHLHSEGLGFSELVKLKENGIKEVCSLAFFPVKPKYPQT(MSE)IDVFRKLTEFEPLRCEAAGVK(MSE)HP
AVGIHPRCIPPDYEFVLGYLEEGEWVAFGEIGLELVTDEEIEVLKSQLELAKR(MSE)DVPCIIHTPRGNKLKATRKTLE
ILESLDFPADLAVIDHVNFETLD(MSE)VLETEYWIGLTVQPGKLSAEDAARIVAEHGPERF(MSE)LNSDAGYRDVEIT
TVAEAAVKIEEAVGREE(MSE)EKVARENARKFLRVLEAAALEHHHHHH
;
_entity_poly.pdbx_strand_id   A,B,C,D
#
# COMPACT_ATOMS: atom_id res chain seq x y z
N TYR A 2 -24.80 -20.64 36.68
CA TYR A 2 -24.46 -21.87 35.90
C TYR A 2 -23.25 -21.58 35.06
N PHE A 3 -22.82 -22.57 34.28
CA PHE A 3 -21.65 -22.42 33.41
C PHE A 3 -21.74 -23.28 32.15
N ASP A 4 -21.26 -22.75 31.03
CA ASP A 4 -21.33 -23.49 29.77
C ASP A 4 -20.02 -23.46 28.97
N SER A 5 -19.22 -24.51 29.08
CA SER A 5 -17.96 -24.56 28.32
C SER A 5 -18.27 -24.67 26.84
N HIS A 6 -17.28 -24.48 25.99
CA HIS A 6 -17.47 -24.57 24.55
C HIS A 6 -18.68 -23.84 24.01
N LEU A 7 -18.43 -22.62 23.56
CA LEU A 7 -19.46 -21.76 23.05
C LEU A 7 -18.79 -20.64 22.27
N HIS A 8 -18.85 -20.72 20.94
CA HIS A 8 -18.25 -19.73 20.05
C HIS A 8 -18.92 -18.37 20.10
N SER A 9 -18.23 -17.38 20.68
CA SER A 9 -18.77 -16.03 20.83
C SER A 9 -18.83 -15.19 19.57
N GLU A 10 -17.77 -15.24 18.79
CA GLU A 10 -17.69 -14.50 17.54
C GLU A 10 -18.84 -14.88 16.59
N GLY A 11 -19.65 -15.85 17.00
CA GLY A 11 -20.77 -16.27 16.19
C GLY A 11 -22.10 -16.05 16.87
N LEU A 12 -22.08 -15.21 17.90
CA LEU A 12 -23.28 -14.88 18.64
C LEU A 12 -23.50 -13.40 18.68
N GLY A 13 -24.76 -13.00 18.65
CA GLY A 13 -25.09 -11.59 18.69
C GLY A 13 -25.41 -11.19 20.11
N PHE A 14 -25.36 -9.89 20.38
CA PHE A 14 -25.62 -9.38 21.71
C PHE A 14 -26.97 -9.88 22.22
N SER A 15 -27.94 -9.93 21.32
CA SER A 15 -29.28 -10.40 21.66
C SER A 15 -29.17 -11.83 22.16
N GLU A 16 -28.61 -12.70 21.31
CA GLU A 16 -28.43 -14.10 21.66
C GLU A 16 -27.65 -14.20 22.98
N LEU A 17 -26.65 -13.33 23.15
CA LEU A 17 -25.83 -13.31 24.33
C LEU A 17 -26.65 -13.07 25.58
N VAL A 18 -27.46 -12.02 25.56
CA VAL A 18 -28.30 -11.68 26.70
C VAL A 18 -29.28 -12.77 27.06
N LYS A 19 -29.65 -13.61 26.09
CA LYS A 19 -30.60 -14.71 26.37
C LYS A 19 -29.95 -15.68 27.35
N LEU A 20 -28.62 -15.75 27.27
CA LEU A 20 -27.85 -16.60 28.12
C LEU A 20 -27.90 -16.06 29.55
N LYS A 21 -27.62 -14.76 29.69
CA LYS A 21 -27.62 -14.07 30.99
C LYS A 21 -28.91 -14.37 31.73
N GLU A 22 -30.02 -14.33 31.01
CA GLU A 22 -31.31 -14.60 31.59
C GLU A 22 -31.77 -16.01 31.27
N ASN A 23 -31.20 -16.97 31.97
CA ASN A 23 -31.55 -18.35 31.77
C ASN A 23 -30.63 -19.17 32.64
N GLY A 24 -29.71 -18.47 33.29
CA GLY A 24 -28.77 -19.13 34.16
C GLY A 24 -27.37 -19.18 33.63
N ILE A 25 -27.22 -19.38 32.32
CA ILE A 25 -25.88 -19.45 31.72
C ILE A 25 -25.16 -18.09 31.84
N LYS A 26 -24.66 -17.81 33.04
CA LYS A 26 -23.99 -16.54 33.30
C LYS A 26 -22.48 -16.66 33.24
N GLU A 27 -22.01 -17.85 32.83
CA GLU A 27 -20.59 -18.15 32.73
C GLU A 27 -20.36 -19.06 31.54
N VAL A 28 -19.50 -18.64 30.63
CA VAL A 28 -19.25 -19.43 29.45
C VAL A 28 -17.77 -19.45 29.11
N CYS A 29 -17.39 -20.37 28.23
CA CYS A 29 -16.02 -20.49 27.80
C CYS A 29 -16.01 -20.44 26.28
N SER A 30 -15.62 -19.31 25.71
CA SER A 30 -15.60 -19.16 24.26
C SER A 30 -14.26 -19.62 23.72
N LEU A 31 -14.29 -20.33 22.58
CA LEU A 31 -13.08 -20.86 21.97
C LEU A 31 -12.78 -20.24 20.62
N ALA A 32 -11.51 -20.18 20.26
CA ALA A 32 -11.10 -19.60 18.99
C ALA A 32 -11.45 -20.49 17.81
N PHE A 33 -11.88 -19.87 16.72
CA PHE A 33 -12.24 -20.62 15.54
C PHE A 33 -12.55 -19.70 14.38
N PHE A 34 -11.89 -19.93 13.24
CA PHE A 34 -12.12 -19.12 12.06
C PHE A 34 -12.91 -19.91 11.02
N PRO A 35 -14.19 -19.52 10.77
CA PRO A 35 -15.09 -20.18 9.83
C PRO A 35 -14.59 -20.34 8.40
N VAL A 36 -13.29 -20.16 8.21
CA VAL A 36 -12.66 -20.31 6.89
C VAL A 36 -11.15 -20.53 7.12
N LYS A 37 -10.50 -21.33 6.26
CA LYS A 37 -9.07 -21.63 6.40
C LYS A 37 -8.18 -20.44 6.06
N PRO A 38 -7.40 -19.96 7.04
CA PRO A 38 -6.49 -18.83 6.93
C PRO A 38 -5.52 -18.93 5.78
N LYS A 39 -5.15 -17.78 5.24
CA LYS A 39 -4.23 -17.67 4.13
C LYS A 39 -2.87 -17.34 4.73
N TYR A 40 -2.89 -16.81 5.94
CA TYR A 40 -1.69 -16.42 6.66
C TYR A 40 -1.84 -16.83 8.12
N PRO A 41 -0.76 -17.34 8.74
CA PRO A 41 -0.81 -17.75 10.15
C PRO A 41 -1.01 -16.59 11.13
N GLN A 42 -0.63 -15.38 10.71
CA GLN A 42 -0.75 -14.20 11.55
C GLN A 42 -2.18 -13.83 11.80
N THR A 43 -3.05 -14.18 10.88
CA THR A 43 -4.45 -13.87 11.05
C THR A 43 -4.94 -14.38 12.41
N ILE A 45 -3.55 -14.85 15.09
CA ILE A 45 -3.13 -13.99 16.19
C ILE A 45 -4.16 -12.90 16.45
N ASP A 46 -4.57 -12.22 15.38
CA ASP A 46 -5.55 -11.16 15.49
C ASP A 46 -6.90 -11.70 15.96
N VAL A 47 -7.29 -12.86 15.43
CA VAL A 47 -8.54 -13.48 15.87
C VAL A 47 -8.46 -13.72 17.37
N PHE A 48 -7.23 -13.88 17.84
CA PHE A 48 -6.99 -14.11 19.26
C PHE A 48 -7.11 -12.79 19.99
N ARG A 49 -6.47 -11.76 19.45
CA ARG A 49 -6.51 -10.42 20.02
C ARG A 49 -7.97 -10.03 20.17
N LYS A 50 -8.76 -10.28 19.13
CA LYS A 50 -10.16 -9.94 19.18
C LYS A 50 -10.84 -10.78 20.24
N LEU A 51 -10.47 -12.06 20.30
CA LEU A 51 -11.07 -13.00 21.25
C LEU A 51 -10.74 -12.80 22.73
N THR A 52 -9.62 -12.15 23.04
CA THR A 52 -9.27 -11.96 24.44
C THR A 52 -9.22 -10.51 24.93
N GLU A 53 -9.42 -9.55 24.03
CA GLU A 53 -9.37 -8.13 24.38
C GLU A 53 -10.65 -7.39 24.04
N PHE A 54 -11.52 -8.04 23.28
CA PHE A 54 -12.78 -7.44 22.87
C PHE A 54 -13.99 -8.28 23.27
N GLU A 55 -13.90 -9.57 23.00
CA GLU A 55 -15.00 -10.46 23.32
C GLU A 55 -15.41 -10.48 24.80
N PRO A 56 -14.44 -10.65 25.73
CA PRO A 56 -14.84 -10.66 27.14
C PRO A 56 -15.68 -9.44 27.57
N LEU A 57 -15.39 -8.26 27.02
CA LEU A 57 -16.15 -7.02 27.34
C LEU A 57 -17.53 -7.11 26.73
N ARG A 58 -17.55 -7.45 25.45
CA ARG A 58 -18.78 -7.60 24.70
C ARG A 58 -19.72 -8.53 25.43
N CYS A 59 -19.15 -9.52 26.11
CA CYS A 59 -19.95 -10.49 26.85
C CYS A 59 -20.38 -9.96 28.23
N GLU A 60 -19.43 -9.48 29.02
CA GLU A 60 -19.77 -8.99 30.36
C GLU A 60 -20.72 -7.82 30.30
N ALA A 61 -20.71 -7.14 29.17
CA ALA A 61 -21.59 -6.00 28.99
C ALA A 61 -23.04 -6.50 28.84
N ALA A 62 -23.20 -7.80 28.56
CA ALA A 62 -24.52 -8.40 28.41
C ALA A 62 -24.91 -9.14 29.66
N GLY A 63 -23.93 -9.26 30.56
CA GLY A 63 -24.15 -9.94 31.82
C GLY A 63 -23.60 -11.35 31.87
N VAL A 64 -22.56 -11.65 31.09
CA VAL A 64 -21.95 -12.97 31.10
C VAL A 64 -20.44 -12.91 31.18
N LYS A 65 -19.87 -13.66 32.13
CA LYS A 65 -18.43 -13.71 32.35
C LYS A 65 -17.87 -14.75 31.41
N HIS A 67 -14.91 -16.80 29.52
CA HIS A 67 -13.53 -17.25 29.73
C HIS A 67 -13.05 -17.69 28.34
N PRO A 68 -12.22 -16.86 27.70
CA PRO A 68 -11.66 -17.08 26.37
C PRO A 68 -10.75 -18.27 26.32
N ALA A 69 -10.65 -18.88 25.15
CA ALA A 69 -9.77 -20.03 24.96
C ALA A 69 -9.16 -19.82 23.59
N VAL A 70 -7.88 -20.13 23.43
CA VAL A 70 -7.20 -19.92 22.16
C VAL A 70 -6.55 -21.20 21.61
N GLY A 71 -6.33 -21.26 20.30
CA GLY A 71 -5.74 -22.45 19.71
C GLY A 71 -5.97 -22.45 18.21
N ILE A 72 -5.80 -23.59 17.58
CA ILE A 72 -6.00 -23.67 16.14
C ILE A 72 -6.82 -24.88 15.72
N HIS A 73 -8.06 -24.62 15.32
CA HIS A 73 -8.97 -25.65 14.89
C HIS A 73 -8.42 -26.35 13.67
N PRO A 74 -8.67 -27.66 13.53
CA PRO A 74 -8.18 -28.44 12.40
C PRO A 74 -8.73 -28.00 11.05
N ARG A 75 -9.94 -27.47 11.02
CA ARG A 75 -10.55 -27.05 9.75
C ARG A 75 -10.08 -25.69 9.29
N CYS A 76 -9.10 -25.13 9.98
CA CYS A 76 -8.58 -23.82 9.63
C CYS A 76 -7.11 -23.70 10.02
N ILE A 77 -6.32 -24.67 9.57
CA ILE A 77 -4.89 -24.70 9.83
C ILE A 77 -4.17 -23.88 8.76
N PRO A 78 -3.64 -22.70 9.15
CA PRO A 78 -2.93 -21.81 8.24
C PRO A 78 -1.62 -22.47 7.83
N PRO A 79 -1.01 -22.03 6.72
CA PRO A 79 0.25 -22.65 6.27
C PRO A 79 1.31 -22.76 7.35
N ASP A 80 1.96 -21.65 7.63
CA ASP A 80 3.02 -21.66 8.62
C ASP A 80 2.47 -21.69 10.04
N TYR A 81 1.73 -22.75 10.36
CA TYR A 81 1.11 -22.88 11.69
C TYR A 81 2.13 -22.74 12.81
N GLU A 82 3.39 -22.87 12.43
CA GLU A 82 4.51 -22.77 13.35
C GLU A 82 4.46 -21.34 13.91
N PHE A 83 4.15 -20.40 13.03
CA PHE A 83 4.08 -19.00 13.40
C PHE A 83 3.05 -18.71 14.49
N VAL A 84 2.00 -19.53 14.57
CA VAL A 84 0.94 -19.32 15.56
C VAL A 84 1.29 -19.90 16.95
N LEU A 85 2.21 -20.87 16.98
CA LEU A 85 2.63 -21.48 18.24
C LEU A 85 3.66 -20.61 18.97
N GLY A 86 4.35 -19.76 18.19
CA GLY A 86 5.34 -18.87 18.77
C GLY A 86 4.65 -17.82 19.62
N TYR A 87 3.67 -17.11 19.03
CA TYR A 87 2.90 -16.08 19.73
C TYR A 87 2.25 -16.70 20.96
N LEU A 88 1.84 -17.96 20.81
CA LEU A 88 1.21 -18.67 21.90
C LEU A 88 2.17 -18.93 23.04
N GLU A 89 3.35 -19.47 22.73
CA GLU A 89 4.35 -19.79 23.74
C GLU A 89 4.83 -18.55 24.50
N GLU A 90 4.20 -17.42 24.23
CA GLU A 90 4.53 -16.17 24.90
C GLU A 90 3.44 -15.78 25.87
N GLY A 91 2.43 -15.05 25.39
CA GLY A 91 1.33 -14.64 26.25
C GLY A 91 0.81 -15.74 27.15
N GLU A 92 0.27 -15.36 28.32
CA GLU A 92 -0.30 -16.30 29.30
C GLU A 92 -1.73 -16.63 28.87
N TRP A 93 -2.18 -17.87 29.07
CA TRP A 93 -3.52 -18.19 28.63
C TRP A 93 -4.37 -18.91 29.66
N VAL A 94 -5.68 -18.87 29.46
CA VAL A 94 -6.66 -19.53 30.35
C VAL A 94 -6.93 -20.98 29.92
N ALA A 95 -6.85 -21.24 28.62
CA ALA A 95 -7.07 -22.60 28.09
C ALA A 95 -6.99 -22.63 26.58
N PHE A 96 -6.63 -23.79 26.06
CA PHE A 96 -6.50 -24.00 24.62
C PHE A 96 -7.79 -24.54 24.04
N GLY A 97 -8.55 -23.65 23.40
CA GLY A 97 -9.83 -24.02 22.83
C GLY A 97 -9.90 -24.40 21.37
N GLU A 98 -10.77 -25.37 21.09
CA GLU A 98 -11.00 -25.91 19.77
C GLU A 98 -9.78 -26.37 19.03
N ILE A 99 -9.31 -27.56 19.42
CA ILE A 99 -8.17 -28.17 18.77
C ILE A 99 -8.48 -29.68 18.62
N GLY A 100 -7.91 -30.31 17.61
CA GLY A 100 -8.16 -31.73 17.43
C GLY A 100 -7.92 -32.21 16.03
N LEU A 101 -8.44 -33.40 15.76
CA LEU A 101 -8.31 -34.02 14.45
C LEU A 101 -9.67 -34.02 13.83
N GLU A 102 -9.71 -34.16 12.51
CA GLU A 102 -10.93 -34.16 11.73
C GLU A 102 -10.86 -35.27 10.67
N LEU A 103 -9.90 -35.14 9.76
CA LEU A 103 -9.74 -36.12 8.70
C LEU A 103 -8.50 -36.99 8.96
N VAL A 104 -8.14 -37.11 10.24
CA VAL A 104 -6.98 -37.86 10.68
C VAL A 104 -5.71 -37.55 9.86
N THR A 105 -5.74 -36.48 9.07
CA THR A 105 -4.59 -36.09 8.25
C THR A 105 -3.36 -35.98 9.12
N ASP A 106 -2.18 -36.21 8.54
CA ASP A 106 -0.95 -36.10 9.31
C ASP A 106 -0.75 -34.63 9.72
N GLU A 107 -1.25 -33.72 8.88
CA GLU A 107 -1.15 -32.29 9.12
C GLU A 107 -1.84 -31.87 10.42
N GLU A 108 -2.96 -32.51 10.72
CA GLU A 108 -3.68 -32.19 11.95
C GLU A 108 -2.84 -32.72 13.11
N ILE A 109 -2.48 -33.99 13.00
CA ILE A 109 -1.68 -34.65 14.03
C ILE A 109 -0.56 -33.74 14.47
N GLU A 110 0.13 -33.15 13.51
CA GLU A 110 1.24 -32.26 13.82
C GLU A 110 0.76 -30.97 14.48
N VAL A 111 -0.28 -30.35 13.93
CA VAL A 111 -0.81 -29.12 14.50
C VAL A 111 -1.48 -29.46 15.83
N LEU A 112 -2.01 -30.67 15.95
CA LEU A 112 -2.67 -31.07 17.18
C LEU A 112 -1.65 -31.41 18.24
N LYS A 113 -0.66 -32.21 17.86
CA LYS A 113 0.40 -32.62 18.77
C LYS A 113 1.18 -31.42 19.24
N SER A 114 1.72 -30.67 18.29
CA SER A 114 2.49 -29.49 18.60
C SER A 114 1.82 -28.64 19.68
N GLN A 115 0.48 -28.58 19.65
CA GLN A 115 -0.25 -27.80 20.64
C GLN A 115 -0.33 -28.53 21.98
N LEU A 116 -0.99 -29.67 22.00
CA LEU A 116 -1.11 -30.44 23.23
C LEU A 116 0.24 -30.63 23.87
N GLU A 117 1.27 -30.67 23.04
CA GLU A 117 2.62 -30.83 23.54
C GLU A 117 2.95 -29.56 24.32
N LEU A 118 2.94 -28.42 23.64
CA LEU A 118 3.23 -27.15 24.28
C LEU A 118 2.40 -26.98 25.56
N ALA A 119 1.13 -27.37 25.48
CA ALA A 119 0.20 -27.27 26.59
C ALA A 119 0.74 -27.93 27.85
N LYS A 120 1.47 -29.02 27.67
CA LYS A 120 2.04 -29.74 28.79
C LYS A 120 3.18 -28.92 29.42
N ARG A 121 3.81 -28.05 28.64
CA ARG A 121 4.89 -27.25 29.17
C ARG A 121 4.42 -25.99 29.85
N ASP A 123 1.20 -26.09 31.35
CA ASP A 123 0.17 -26.58 32.26
C ASP A 123 -1.11 -25.77 32.06
N VAL A 124 -1.61 -25.82 30.82
CA VAL A 124 -2.84 -25.14 30.46
C VAL A 124 -3.78 -26.15 29.87
N PRO A 125 -5.03 -26.11 30.29
CA PRO A 125 -6.05 -27.04 29.80
C PRO A 125 -6.33 -26.96 28.29
N CYS A 126 -6.88 -28.05 27.75
CA CYS A 126 -7.23 -28.17 26.32
C CYS A 126 -8.64 -28.74 26.13
N ILE A 127 -9.36 -28.19 25.16
CA ILE A 127 -10.71 -28.70 24.86
C ILE A 127 -10.62 -29.39 23.48
N ILE A 128 -10.21 -30.65 23.45
CA ILE A 128 -10.10 -31.36 22.18
C ILE A 128 -11.47 -31.56 21.61
N HIS A 129 -11.60 -31.48 20.30
CA HIS A 129 -12.91 -31.66 19.71
C HIS A 129 -13.01 -32.95 18.91
N THR A 130 -14.11 -33.66 19.11
CA THR A 130 -14.34 -34.93 18.41
C THR A 130 -15.19 -34.74 17.16
N PRO A 131 -14.67 -35.13 16.00
CA PRO A 131 -15.35 -35.02 14.71
C PRO A 131 -16.76 -35.61 14.69
N ARG A 132 -17.59 -35.11 13.78
CA ARG A 132 -18.97 -35.57 13.67
C ARG A 132 -19.06 -36.78 12.73
N GLY A 133 -18.09 -36.87 11.83
CA GLY A 133 -18.07 -37.97 10.89
C GLY A 133 -17.61 -39.26 11.51
N ASN A 134 -16.29 -39.40 11.64
CA ASN A 134 -15.68 -40.60 12.23
C ASN A 134 -15.53 -40.37 13.73
N LYS A 135 -16.59 -39.90 14.37
CA LYS A 135 -16.59 -39.64 15.80
C LYS A 135 -16.16 -40.86 16.62
N LEU A 136 -15.82 -41.97 15.94
CA LEU A 136 -15.36 -43.21 16.62
C LEU A 136 -14.01 -43.63 16.08
N LYS A 137 -13.80 -43.40 14.79
CA LYS A 137 -12.53 -43.76 14.20
C LYS A 137 -11.51 -42.67 14.48
N ALA A 138 -12.03 -41.47 14.76
CA ALA A 138 -11.19 -40.30 15.02
C ALA A 138 -10.79 -40.16 16.48
N THR A 139 -11.78 -40.27 17.38
CA THR A 139 -11.52 -40.14 18.82
C THR A 139 -10.48 -41.17 19.28
N ARG A 140 -10.42 -42.29 18.58
CA ARG A 140 -9.44 -43.31 18.93
C ARG A 140 -8.06 -42.66 18.74
N LYS A 141 -7.76 -42.24 17.52
CA LYS A 141 -6.48 -41.61 17.21
C LYS A 141 -6.17 -40.50 18.20
N THR A 142 -7.16 -39.67 18.47
CA THR A 142 -7.02 -38.57 19.41
C THR A 142 -6.60 -39.12 20.77
N LEU A 143 -7.41 -40.06 21.25
CA LEU A 143 -7.14 -40.69 22.51
C LEU A 143 -5.84 -41.46 22.39
N GLU A 144 -5.38 -41.71 21.16
CA GLU A 144 -4.11 -42.41 21.00
C GLU A 144 -2.97 -41.41 21.10
N ILE A 145 -3.09 -40.28 20.40
CA ILE A 145 -2.06 -39.23 20.42
C ILE A 145 -1.96 -38.73 21.86
N LEU A 146 -3.11 -38.46 22.46
CA LEU A 146 -3.17 -37.96 23.81
C LEU A 146 -2.49 -38.93 24.77
N GLU A 147 -2.46 -40.20 24.39
CA GLU A 147 -1.84 -41.27 25.19
C GLU A 147 -0.32 -41.14 25.27
N SER A 148 0.30 -41.18 24.10
CA SER A 148 1.75 -41.08 23.98
C SER A 148 2.34 -39.93 24.78
N LEU A 149 1.88 -38.71 24.54
CA LEU A 149 2.40 -37.54 25.26
C LEU A 149 2.24 -37.69 26.76
N ASP A 150 1.54 -38.74 27.19
CA ASP A 150 1.31 -38.96 28.61
C ASP A 150 0.67 -37.70 29.17
N PHE A 151 -0.35 -37.19 28.47
CA PHE A 151 -1.04 -35.97 28.88
C PHE A 151 -1.78 -36.24 30.18
N PRO A 152 -1.59 -35.40 31.21
CA PRO A 152 -2.27 -35.58 32.49
C PRO A 152 -3.78 -35.52 32.38
N ALA A 153 -4.45 -36.48 32.99
CA ALA A 153 -5.90 -36.58 32.94
C ALA A 153 -6.65 -35.39 33.55
N ASP A 154 -5.95 -34.28 33.74
CA ASP A 154 -6.58 -33.11 34.31
C ASP A 154 -6.27 -31.86 33.53
N LEU A 155 -5.96 -32.02 32.26
CA LEU A 155 -5.63 -30.88 31.45
C LEU A 155 -6.29 -31.01 30.11
N ALA A 156 -7.13 -32.03 29.96
CA ALA A 156 -7.78 -32.25 28.69
C ALA A 156 -9.21 -32.71 28.86
N VAL A 157 -10.05 -32.34 27.90
CA VAL A 157 -11.43 -32.71 27.96
C VAL A 157 -11.91 -33.06 26.58
N ILE A 158 -12.31 -34.31 26.40
CA ILE A 158 -12.84 -34.75 25.12
C ILE A 158 -14.26 -34.18 25.03
N ASP A 159 -14.56 -33.55 23.89
CA ASP A 159 -15.86 -32.93 23.70
C ASP A 159 -16.70 -33.59 22.61
N HIS A 160 -18.00 -33.30 22.60
CA HIS A 160 -18.91 -33.89 21.63
C HIS A 160 -18.81 -35.40 21.75
N VAL A 161 -18.78 -35.86 22.98
CA VAL A 161 -18.70 -37.28 23.29
C VAL A 161 -20.10 -37.82 23.01
N ASN A 162 -20.29 -38.42 21.84
CA ASN A 162 -21.60 -38.94 21.46
C ASN A 162 -21.98 -40.22 22.19
N PHE A 163 -23.28 -40.55 22.15
CA PHE A 163 -23.81 -41.74 22.82
C PHE A 163 -23.07 -43.04 22.48
N GLU A 164 -22.63 -43.19 21.23
CA GLU A 164 -21.92 -44.40 20.81
C GLU A 164 -20.41 -44.22 20.79
N THR A 165 -19.86 -43.81 21.92
CA THR A 165 -18.42 -43.63 22.03
C THR A 165 -18.08 -43.25 23.47
N LEU A 166 -19.11 -43.03 24.28
CA LEU A 166 -18.94 -42.67 25.69
C LEU A 166 -18.21 -43.76 26.45
N ASP A 167 -18.17 -44.96 25.90
CA ASP A 167 -17.49 -46.07 26.54
C ASP A 167 -16.00 -45.97 26.27
N VAL A 169 -14.01 -43.26 25.58
CA VAL A 169 -13.35 -42.23 26.37
C VAL A 169 -13.39 -42.54 27.87
N LEU A 170 -14.34 -43.36 28.29
CA LEU A 170 -14.44 -43.73 29.70
C LEU A 170 -13.25 -44.62 30.10
N GLU A 171 -12.78 -45.44 29.17
CA GLU A 171 -11.64 -46.33 29.39
C GLU A 171 -10.40 -45.47 29.66
N THR A 172 -10.61 -44.16 29.76
CA THR A 172 -9.53 -43.22 30.03
C THR A 172 -9.88 -42.43 31.25
N GLU A 173 -8.96 -41.56 31.65
CA GLU A 173 -9.14 -40.72 32.83
C GLU A 173 -9.34 -39.24 32.52
N TYR A 174 -9.49 -38.91 31.24
CA TYR A 174 -9.70 -37.54 30.81
C TYR A 174 -11.15 -37.12 31.05
N TRP A 175 -11.40 -35.82 31.03
CA TRP A 175 -12.75 -35.32 31.23
C TRP A 175 -13.55 -35.47 29.97
N ILE A 176 -14.84 -35.74 30.13
CA ILE A 176 -15.69 -35.91 29.00
C ILE A 176 -16.62 -34.75 28.89
N GLY A 177 -16.75 -34.24 27.68
CA GLY A 177 -17.64 -33.12 27.45
C GLY A 177 -18.91 -33.65 26.81
N LEU A 178 -20.06 -33.27 27.38
CA LEU A 178 -21.36 -33.68 26.84
C LEU A 178 -22.07 -32.52 26.19
N THR A 179 -22.12 -32.53 24.87
CA THR A 179 -22.75 -31.48 24.12
C THR A 179 -24.23 -31.78 23.86
N VAL A 180 -25.12 -30.89 24.27
CA VAL A 180 -26.56 -31.11 24.10
C VAL A 180 -27.12 -30.80 22.71
N GLN A 181 -26.47 -29.91 21.98
CA GLN A 181 -26.87 -29.51 20.62
C GLN A 181 -28.27 -28.92 20.54
N ASP A 189 -29.26 -36.22 21.38
CA ASP A 189 -29.62 -34.81 21.54
C ASP A 189 -29.74 -34.46 23.03
N ALA A 190 -30.96 -34.45 23.55
CA ALA A 190 -31.19 -34.10 24.95
C ALA A 190 -31.23 -35.34 25.85
N ALA A 191 -31.18 -36.51 25.21
CA ALA A 191 -31.23 -37.81 25.88
C ALA A 191 -29.87 -38.15 26.48
N ARG A 192 -29.08 -37.13 26.76
CA ARG A 192 -27.75 -37.33 27.33
C ARG A 192 -27.84 -37.37 28.86
N ILE A 193 -28.96 -36.89 29.40
CA ILE A 193 -29.17 -36.90 30.84
C ILE A 193 -28.98 -38.32 31.42
N VAL A 194 -29.55 -39.31 30.73
CA VAL A 194 -29.44 -40.70 31.16
C VAL A 194 -27.96 -41.12 31.22
N ALA A 195 -27.12 -40.41 30.49
CA ALA A 195 -25.69 -40.69 30.46
C ALA A 195 -25.02 -40.26 31.76
N GLU A 196 -25.83 -40.04 32.79
CA GLU A 196 -25.31 -39.64 34.10
C GLU A 196 -25.07 -40.87 34.96
N HIS A 197 -25.15 -42.06 34.34
CA HIS A 197 -24.93 -43.32 35.03
C HIS A 197 -23.78 -43.24 36.05
N GLY A 198 -22.80 -42.39 35.75
CA GLY A 198 -21.66 -42.24 36.63
C GLY A 198 -21.49 -40.82 37.17
N GLU A 200 -17.31 -38.98 37.46
CA GLU A 200 -18.24 -37.86 37.32
C GLU A 200 -17.48 -36.79 36.56
N ARG A 201 -16.83 -37.19 35.48
CA ARG A 201 -16.05 -36.24 34.72
C ARG A 201 -16.80 -35.75 33.48
N PHE A 202 -17.92 -35.08 33.74
CA PHE A 202 -18.76 -34.57 32.68
C PHE A 202 -18.94 -33.03 32.75
N LEU A 204 -21.55 -29.93 30.73
CA LEU A 204 -22.59 -29.57 29.79
C LEU A 204 -22.11 -28.38 28.99
N ASN A 205 -22.26 -28.48 27.67
CA ASN A 205 -21.86 -27.43 26.75
C ASN A 205 -22.88 -27.38 25.60
N SER A 206 -23.39 -26.19 25.31
CA SER A 206 -24.35 -26.03 24.23
C SER A 206 -23.61 -25.97 22.90
N ASP A 207 -22.42 -25.41 22.93
CA ASP A 207 -21.60 -25.24 21.72
C ASP A 207 -22.25 -24.26 20.74
N ALA A 208 -22.99 -23.29 21.28
CA ALA A 208 -23.67 -22.29 20.47
C ALA A 208 -22.68 -21.59 19.53
N GLY A 209 -22.71 -21.97 18.26
CA GLY A 209 -21.82 -21.37 17.30
C GLY A 209 -22.44 -20.29 16.45
N TYR A 210 -22.04 -20.24 15.18
CA TYR A 210 -22.53 -19.25 14.25
C TYR A 210 -23.99 -19.51 13.82
N ARG A 211 -24.40 -20.77 13.77
CA ARG A 211 -25.79 -21.16 13.41
C ARG A 211 -26.65 -21.35 14.66
N VAL A 218 -32.35 -21.75 20.46
CA VAL A 218 -31.32 -22.48 19.74
C VAL A 218 -30.07 -22.62 20.61
N ALA A 219 -29.63 -21.49 21.14
CA ALA A 219 -28.44 -21.40 21.98
C ALA A 219 -28.73 -21.53 23.47
N GLU A 220 -29.49 -22.56 23.84
CA GLU A 220 -29.83 -22.76 25.24
C GLU A 220 -30.07 -24.24 25.56
N ALA A 221 -28.99 -25.03 25.52
CA ALA A 221 -29.06 -26.46 25.80
C ALA A 221 -28.27 -26.81 27.06
N ALA A 222 -27.31 -25.96 27.42
CA ALA A 222 -26.48 -26.17 28.62
C ALA A 222 -27.28 -25.97 29.89
N VAL A 223 -28.60 -25.93 29.77
CA VAL A 223 -29.51 -25.73 30.91
C VAL A 223 -30.82 -26.49 30.73
N LYS A 224 -31.21 -26.69 29.47
CA LYS A 224 -32.43 -27.43 29.23
C LYS A 224 -32.26 -28.82 29.83
N ILE A 225 -31.22 -29.53 29.42
CA ILE A 225 -30.97 -30.86 29.96
C ILE A 225 -30.14 -30.77 31.26
N GLU A 226 -29.42 -29.67 31.43
CA GLU A 226 -28.60 -29.46 32.62
C GLU A 226 -29.52 -29.47 33.85
N GLU A 227 -30.82 -29.32 33.58
CA GLU A 227 -31.81 -29.30 34.62
C GLU A 227 -32.67 -30.57 34.59
N ALA A 228 -32.81 -31.17 33.40
CA ALA A 228 -33.60 -32.38 33.22
C ALA A 228 -33.26 -33.42 34.27
N VAL A 229 -32.03 -33.36 34.76
CA VAL A 229 -31.58 -34.29 35.79
C VAL A 229 -32.44 -34.17 37.06
N GLY A 230 -33.42 -35.07 37.19
CA GLY A 230 -34.29 -35.06 38.35
C GLY A 230 -33.47 -35.36 39.60
N ARG A 231 -32.27 -35.89 39.38
CA ARG A 231 -31.31 -36.22 40.45
C ARG A 231 -30.92 -34.95 41.24
N GLU A 232 -31.30 -33.79 40.71
CA GLU A 232 -31.01 -32.46 41.30
C GLU A 232 -29.68 -32.37 42.04
N GLU A 233 -29.57 -31.34 42.89
CA GLU A 233 -28.38 -31.06 43.71
C GLU A 233 -27.05 -31.56 43.12
N GLU A 235 -26.29 -32.55 40.39
CA GLU A 235 -26.12 -31.91 39.08
C GLU A 235 -25.15 -30.74 39.06
N LYS A 236 -24.98 -30.10 40.21
CA LYS A 236 -24.07 -28.97 40.34
C LYS A 236 -22.66 -29.33 39.85
N VAL A 237 -22.42 -30.62 39.59
CA VAL A 237 -21.10 -31.03 39.12
C VAL A 237 -21.10 -31.41 37.63
N ALA A 238 -22.05 -30.86 36.87
CA ALA A 238 -22.13 -31.11 35.43
C ALA A 238 -22.30 -29.74 34.77
N ARG A 239 -22.72 -28.77 35.59
CA ARG A 239 -22.93 -27.38 35.19
C ARG A 239 -21.76 -26.51 35.65
N GLU A 240 -21.42 -26.58 36.93
CA GLU A 240 -20.29 -25.81 37.47
C GLU A 240 -19.14 -26.72 37.91
N ASN A 241 -18.89 -27.76 37.11
CA ASN A 241 -17.82 -28.72 37.34
C ASN A 241 -16.73 -28.40 36.35
N ALA A 242 -17.08 -27.54 35.40
CA ALA A 242 -16.15 -27.09 34.37
C ALA A 242 -15.29 -25.98 34.95
N ARG A 243 -15.61 -25.56 36.17
CA ARG A 243 -14.85 -24.49 36.83
C ARG A 243 -13.60 -25.08 37.45
N LYS A 244 -13.70 -26.34 37.86
CA LYS A 244 -12.56 -27.03 38.43
C LYS A 244 -11.56 -27.27 37.31
N PHE A 245 -12.04 -27.77 36.19
CA PHE A 245 -11.18 -28.06 35.02
C PHE A 245 -10.51 -26.82 34.46
N LEU A 246 -11.33 -25.77 34.38
CA LEU A 246 -10.95 -24.47 33.87
C LEU A 246 -10.37 -23.56 34.96
N ARG A 247 -10.03 -24.17 36.10
CA ARG A 247 -9.43 -23.43 37.19
C ARG A 247 -9.96 -21.98 37.32
N VAL A 248 -11.13 -21.84 37.95
CA VAL A 248 -11.75 -20.54 38.13
C VAL A 248 -12.55 -20.48 39.45
N TYR B 2 -37.52 -5.08 1.52
CA TYR B 2 -36.82 -3.85 2.06
C TYR B 2 -35.31 -4.02 2.15
N PHE B 3 -34.59 -3.07 1.59
CA PHE B 3 -33.13 -3.15 1.62
C PHE B 3 -32.57 -2.31 2.77
N ASP B 4 -31.44 -2.74 3.30
CA ASP B 4 -30.74 -2.08 4.39
C ASP B 4 -29.23 -2.09 4.17
N SER B 5 -28.70 -0.98 3.67
CA SER B 5 -27.26 -0.89 3.46
C SER B 5 -26.60 -0.77 4.84
N HIS B 6 -25.29 -0.86 4.90
CA HIS B 6 -24.57 -0.72 6.17
C HIS B 6 -25.12 -1.50 7.33
N LEU B 7 -24.58 -2.69 7.49
CA LEU B 7 -24.99 -3.60 8.52
C LEU B 7 -23.91 -4.65 8.70
N HIS B 8 -23.16 -4.54 9.79
CA HIS B 8 -22.09 -5.48 10.11
C HIS B 8 -22.58 -6.88 10.47
N SER B 9 -22.32 -7.84 9.58
CA SER B 9 -22.76 -9.22 9.78
C SER B 9 -21.98 -10.01 10.80
N GLU B 10 -20.66 -9.86 10.76
CA GLU B 10 -19.77 -10.56 11.65
C GLU B 10 -20.10 -10.22 13.10
N GLY B 11 -21.06 -9.33 13.29
CA GLY B 11 -21.45 -8.94 14.65
C GLY B 11 -22.92 -9.27 14.91
N LEU B 12 -23.48 -10.13 14.08
CA LEU B 12 -24.85 -10.55 14.25
C LEU B 12 -24.94 -12.07 14.35
N GLY B 13 -25.93 -12.51 15.12
CA GLY B 13 -26.13 -13.93 15.29
C GLY B 13 -27.22 -14.40 14.35
N PHE B 14 -27.26 -15.70 14.09
CA PHE B 14 -28.24 -16.28 13.21
C PHE B 14 -29.64 -15.87 13.66
N SER B 15 -29.85 -15.86 14.97
CA SER B 15 -31.13 -15.47 15.56
C SER B 15 -31.43 -14.06 15.11
N GLU B 16 -30.53 -13.13 15.44
CA GLU B 16 -30.70 -11.73 15.05
C GLU B 16 -30.92 -11.62 13.54
N LEU B 17 -30.18 -12.41 12.78
CA LEU B 17 -30.28 -12.41 11.32
C LEU B 17 -31.69 -12.77 10.84
N VAL B 18 -32.24 -13.85 11.39
CA VAL B 18 -33.57 -14.27 11.01
C VAL B 18 -34.63 -13.24 11.32
N LYS B 19 -34.37 -12.39 12.32
CA LYS B 19 -35.35 -11.37 12.70
C LYS B 19 -35.50 -10.41 11.54
N LEU B 20 -34.41 -10.26 10.81
CA LEU B 20 -34.39 -9.38 9.67
C LEU B 20 -35.29 -9.97 8.59
N LYS B 21 -35.05 -11.24 8.26
CA LYS B 21 -35.83 -11.97 7.25
C LYS B 21 -37.31 -11.77 7.46
N GLU B 22 -37.74 -11.84 8.72
CA GLU B 22 -39.15 -11.66 9.05
C GLU B 22 -39.39 -10.28 9.61
N ASN B 23 -39.40 -9.30 8.72
CA ASN B 23 -39.63 -7.92 9.09
C ASN B 23 -39.50 -7.08 7.86
N GLY B 24 -39.15 -7.72 6.77
CA GLY B 24 -39.00 -7.02 5.51
C GLY B 24 -37.56 -6.88 5.07
N ILE B 25 -36.66 -6.63 6.00
CA ILE B 25 -35.27 -6.48 5.64
C ILE B 25 -34.70 -7.79 5.07
N LYS B 26 -35.06 -8.09 3.83
CA LYS B 26 -34.60 -9.33 3.19
C LYS B 26 -33.38 -9.11 2.29
N GLU B 27 -32.83 -7.90 2.33
CA GLU B 27 -31.66 -7.52 1.54
C GLU B 27 -30.79 -6.58 2.34
N VAL B 28 -29.55 -6.94 2.55
CA VAL B 28 -28.67 -6.11 3.33
C VAL B 28 -27.30 -5.99 2.69
N CYS B 29 -26.52 -5.01 3.15
CA CYS B 29 -25.16 -4.79 2.66
C CYS B 29 -24.22 -4.78 3.85
N SER B 30 -23.50 -5.89 4.05
CA SER B 30 -22.57 -6.02 5.16
C SER B 30 -21.21 -5.45 4.76
N LEU B 31 -20.60 -4.70 5.67
CA LEU B 31 -19.30 -4.08 5.40
C LEU B 31 -18.20 -4.67 6.27
N ALA B 32 -16.96 -4.63 5.77
CA ALA B 32 -15.83 -5.17 6.50
C ALA B 32 -15.44 -4.29 7.67
N PHE B 33 -15.08 -4.91 8.78
CA PHE B 33 -14.67 -4.14 9.95
C PHE B 33 -14.13 -5.03 11.06
N PHE B 34 -12.93 -4.73 11.53
CA PHE B 34 -12.32 -5.52 12.59
C PHE B 34 -12.37 -4.74 13.90
N PRO B 35 -13.16 -5.20 14.89
CA PRO B 35 -13.32 -4.56 16.20
C PRO B 35 -12.05 -4.31 17.01
N VAL B 36 -10.90 -4.44 16.35
CA VAL B 36 -9.61 -4.21 17.01
C VAL B 36 -8.58 -3.90 15.91
N LYS B 37 -7.60 -3.03 16.19
CA LYS B 37 -6.58 -2.67 15.19
C LYS B 37 -5.62 -3.82 14.88
N PRO B 38 -5.57 -4.24 13.61
CA PRO B 38 -4.71 -5.33 13.14
C PRO B 38 -3.24 -5.16 13.46
N LYS B 39 -2.56 -6.29 13.62
CA LYS B 39 -1.14 -6.30 13.92
C LYS B 39 -0.42 -6.57 12.60
N TYR B 40 -1.16 -7.15 11.67
CA TYR B 40 -0.63 -7.47 10.35
C TYR B 40 -1.68 -7.11 9.31
N PRO B 41 -1.26 -6.57 8.15
CA PRO B 41 -2.19 -6.17 7.09
C PRO B 41 -2.88 -7.36 6.43
N GLN B 42 -2.24 -8.53 6.50
CA GLN B 42 -2.77 -9.74 5.91
C GLN B 42 -4.03 -10.23 6.61
N THR B 43 -4.17 -9.88 7.87
CA THR B 43 -5.34 -10.29 8.60
C THR B 43 -6.57 -9.84 7.84
N ILE B 45 -7.21 -9.37 4.84
CA ILE B 45 -7.50 -10.24 3.71
C ILE B 45 -8.40 -11.39 4.15
N ASP B 46 -8.03 -12.06 5.22
CA ASP B 46 -8.80 -13.18 5.74
C ASP B 46 -10.18 -12.73 6.20
N VAL B 47 -10.24 -11.58 6.85
CA VAL B 47 -11.51 -11.05 7.31
C VAL B 47 -12.36 -10.83 6.08
N PHE B 48 -11.70 -10.62 4.95
CA PHE B 48 -12.41 -10.42 3.69
C PHE B 48 -12.89 -11.77 3.17
N ARG B 49 -11.98 -12.75 3.23
CA ARG B 49 -12.26 -14.10 2.79
C ARG B 49 -13.49 -14.57 3.53
N LYS B 50 -13.48 -14.36 4.83
CA LYS B 50 -14.60 -14.77 5.66
C LYS B 50 -15.86 -14.00 5.25
N LEU B 51 -15.69 -12.70 4.98
CA LEU B 51 -16.80 -11.83 4.62
C LEU B 51 -17.44 -12.04 3.25
N THR B 52 -16.73 -12.67 2.32
CA THR B 52 -17.31 -12.84 1.01
C THR B 52 -17.46 -14.31 0.56
N GLU B 53 -17.00 -15.24 1.38
CA GLU B 53 -17.08 -16.66 1.05
C GLU B 53 -17.83 -17.46 2.10
N PHE B 54 -18.09 -16.83 3.25
CA PHE B 54 -18.80 -17.48 4.35
C PHE B 54 -20.02 -16.71 4.78
N GLU B 55 -19.86 -15.41 4.96
CA GLU B 55 -20.97 -14.61 5.42
C GLU B 55 -22.20 -14.66 4.53
N PRO B 56 -22.03 -14.50 3.19
CA PRO B 56 -23.21 -14.54 2.32
C PRO B 56 -24.06 -15.82 2.47
N LEU B 57 -23.43 -16.96 2.73
CA LEU B 57 -24.14 -18.23 2.93
C LEU B 57 -24.87 -18.21 4.25
N ARG B 58 -24.12 -17.83 5.28
CA ARG B 58 -24.62 -17.73 6.62
C ARG B 58 -25.86 -16.86 6.66
N CYS B 59 -25.92 -15.89 5.76
CA CYS B 59 -27.06 -14.98 5.69
C CYS B 59 -28.21 -15.57 4.87
N GLU B 60 -27.95 -16.00 3.65
CA GLU B 60 -29.00 -16.56 2.80
C GLU B 60 -29.63 -17.80 3.41
N ALA B 61 -28.87 -18.43 4.31
CA ALA B 61 -29.38 -19.61 4.98
C ALA B 61 -30.45 -19.19 5.99
N ALA B 62 -30.50 -17.90 6.31
CA ALA B 62 -31.48 -17.36 7.27
C ALA B 62 -32.59 -16.67 6.52
N GLY B 63 -32.41 -16.55 5.22
CA GLY B 63 -33.41 -15.90 4.39
C GLY B 63 -33.07 -14.47 4.01
N VAL B 64 -31.80 -14.10 3.98
CA VAL B 64 -31.41 -12.74 3.61
C VAL B 64 -30.26 -12.71 2.59
N LYS B 65 -30.47 -11.98 1.50
CA LYS B 65 -29.48 -11.85 0.45
C LYS B 65 -28.52 -10.75 0.86
N HIS B 67 -25.16 -8.45 0.56
CA HIS B 67 -24.23 -7.94 -0.43
C HIS B 67 -23.01 -7.45 0.37
N PRO B 68 -21.91 -8.22 0.34
CA PRO B 68 -20.67 -7.91 1.05
C PRO B 68 -19.99 -6.66 0.53
N ALA B 69 -19.23 -6.00 1.40
CA ALA B 69 -18.49 -4.81 1.01
C ALA B 69 -17.15 -4.96 1.71
N VAL B 70 -16.06 -4.60 1.04
CA VAL B 70 -14.74 -4.75 1.61
C VAL B 70 -13.98 -3.41 1.70
N GLY B 71 -12.99 -3.33 2.59
CA GLY B 71 -12.25 -2.09 2.72
C GLY B 71 -11.51 -2.05 4.03
N ILE B 72 -11.03 -0.87 4.42
CA ILE B 72 -10.31 -0.76 5.67
C ILE B 72 -10.78 0.43 6.52
N HIS B 73 -11.48 0.12 7.59
CA HIS B 73 -12.02 1.12 8.50
C HIS B 73 -10.86 1.87 9.11
N PRO B 74 -11.04 3.17 9.38
CA PRO B 74 -9.99 4.00 9.98
C PRO B 74 -9.54 3.58 11.39
N ARG B 75 -10.45 2.99 12.18
CA ARG B 75 -10.12 2.58 13.54
C ARG B 75 -9.40 1.24 13.58
N CYS B 76 -9.02 0.73 12.42
CA CYS B 76 -8.32 -0.54 12.36
C CYS B 76 -7.41 -0.59 11.14
N ILE B 77 -6.56 0.42 11.03
CA ILE B 77 -5.60 0.53 9.94
C ILE B 77 -4.33 -0.20 10.32
N PRO B 78 -4.10 -1.36 9.70
CA PRO B 78 -2.91 -2.17 9.96
C PRO B 78 -1.68 -1.42 9.48
N PRO B 79 -0.49 -1.82 9.95
CA PRO B 79 0.74 -1.13 9.53
C PRO B 79 0.89 -0.99 8.03
N ASP B 80 1.30 -2.08 7.40
CA ASP B 80 1.52 -2.06 5.97
C ASP B 80 0.21 -2.08 5.20
N TYR B 81 -0.64 -1.09 5.42
CA TYR B 81 -1.95 -1.02 4.76
C TYR B 81 -1.83 -1.12 3.24
N GLU B 82 -0.61 -0.91 2.77
CA GLU B 82 -0.30 -0.97 1.36
C GLU B 82 -0.59 -2.41 0.93
N PHE B 83 -0.24 -3.34 1.80
CA PHE B 83 -0.45 -4.74 1.53
C PHE B 83 -1.92 -5.12 1.31
N VAL B 84 -2.83 -4.38 1.91
CA VAL B 84 -4.26 -4.68 1.77
C VAL B 84 -4.86 -4.13 0.49
N LEU B 85 -4.24 -3.11 -0.10
CA LEU B 85 -4.73 -2.52 -1.35
C LEU B 85 -4.30 -3.34 -2.55
N GLY B 86 -3.23 -4.12 -2.38
CA GLY B 86 -2.76 -4.98 -3.46
C GLY B 86 -3.77 -6.08 -3.74
N TYR B 87 -4.11 -6.83 -2.70
CA TYR B 87 -5.09 -7.92 -2.78
C TYR B 87 -6.39 -7.37 -3.35
N LEU B 88 -6.72 -6.15 -2.95
CA LEU B 88 -7.93 -5.49 -3.41
C LEU B 88 -7.89 -5.22 -4.90
N GLU B 89 -6.80 -4.60 -5.36
CA GLU B 89 -6.66 -4.25 -6.77
C GLU B 89 -6.68 -5.46 -7.66
N GLU B 90 -6.92 -6.61 -7.05
CA GLU B 90 -7.00 -7.85 -7.80
C GLU B 90 -8.43 -8.34 -7.89
N GLY B 91 -8.89 -9.10 -6.90
CA GLY B 91 -10.25 -9.61 -6.93
C GLY B 91 -11.30 -8.58 -7.31
N GLU B 92 -12.41 -9.03 -7.89
CA GLU B 92 -13.51 -8.16 -8.31
C GLU B 92 -14.40 -7.88 -7.10
N TRP B 93 -14.92 -6.67 -6.98
CA TRP B 93 -15.74 -6.39 -5.81
C TRP B 93 -17.10 -5.74 -6.09
N VAL B 94 -18.00 -5.87 -5.11
CA VAL B 94 -19.36 -5.31 -5.17
C VAL B 94 -19.37 -3.87 -4.66
N ALA B 95 -18.51 -3.56 -3.69
CA ALA B 95 -18.44 -2.21 -3.11
C ALA B 95 -17.43 -2.15 -1.96
N PHE B 96 -16.91 -0.95 -1.74
CA PHE B 96 -15.94 -0.70 -0.68
C PHE B 96 -16.63 -0.21 0.56
N GLY B 97 -16.78 -1.12 1.53
CA GLY B 97 -17.47 -0.81 2.77
C GLY B 97 -16.64 -0.39 3.96
N GLU B 98 -17.21 0.55 4.71
CA GLU B 98 -16.61 1.13 5.90
C GLU B 98 -15.22 1.68 5.75
N ILE B 99 -15.16 2.87 5.18
CA ILE B 99 -13.90 3.55 4.99
C ILE B 99 -14.15 5.03 5.32
N GLY B 100 -13.10 5.71 5.78
CA GLY B 100 -13.27 7.11 6.09
C GLY B 100 -12.25 7.65 7.06
N LEU B 101 -12.57 8.83 7.58
CA LEU B 101 -11.73 9.52 8.54
C LEU B 101 -12.44 9.45 9.90
N GLU B 102 -11.66 9.64 10.96
CA GLU B 102 -12.13 9.58 12.32
C GLU B 102 -11.49 10.71 13.13
N LEU B 103 -10.17 10.67 13.24
CA LEU B 103 -9.43 11.69 13.98
C LEU B 103 -8.67 12.61 13.01
N VAL B 104 -9.18 12.71 11.79
CA VAL B 104 -8.57 13.52 10.74
C VAL B 104 -7.06 13.31 10.59
N THR B 105 -6.54 12.27 11.22
CA THR B 105 -5.10 11.95 11.14
C THR B 105 -4.68 11.89 9.69
N ASP B 106 -3.42 12.22 9.42
CA ASP B 106 -2.94 12.14 8.06
C ASP B 106 -2.94 10.68 7.59
N GLU B 107 -2.74 9.77 8.53
CA GLU B 107 -2.73 8.32 8.27
C GLU B 107 -4.03 7.85 7.67
N GLU B 108 -5.14 8.38 8.16
CA GLU B 108 -6.42 8.00 7.62
C GLU B 108 -6.49 8.53 6.22
N ILE B 109 -6.23 9.83 6.09
CA ILE B 109 -6.28 10.53 4.81
C ILE B 109 -5.61 9.69 3.74
N GLU B 110 -4.46 9.13 4.07
CA GLU B 110 -3.72 8.32 3.12
C GLU B 110 -4.42 6.98 2.88
N VAL B 111 -4.86 6.33 3.95
CA VAL B 111 -5.56 5.05 3.83
C VAL B 111 -6.92 5.29 3.19
N LEU B 112 -7.49 6.47 3.43
CA LEU B 112 -8.79 6.80 2.88
C LEU B 112 -8.67 7.17 1.41
N LYS B 113 -7.71 8.04 1.12
CA LYS B 113 -7.48 8.50 -0.24
C LYS B 113 -7.08 7.33 -1.10
N SER B 114 -6.04 6.63 -0.68
CA SER B 114 -5.54 5.48 -1.42
C SER B 114 -6.68 4.56 -1.87
N GLN B 115 -7.71 4.42 -1.03
CA GLN B 115 -8.84 3.57 -1.36
C GLN B 115 -9.78 4.27 -2.37
N LEU B 116 -10.38 5.39 -1.97
CA LEU B 116 -11.28 6.11 -2.84
C LEU B 116 -10.62 6.35 -4.18
N GLU B 117 -9.31 6.48 -4.16
CA GLU B 117 -8.57 6.69 -5.40
C GLU B 117 -8.70 5.42 -6.25
N LEU B 118 -8.24 4.30 -5.72
CA LEU B 118 -8.32 3.02 -6.43
C LEU B 118 -9.74 2.75 -6.92
N ALA B 119 -10.71 3.06 -6.07
CA ALA B 119 -12.12 2.89 -6.35
C ALA B 119 -12.52 3.55 -7.67
N LYS B 120 -11.90 4.69 -7.95
CA LYS B 120 -12.19 5.42 -9.17
C LYS B 120 -11.63 4.65 -10.36
N ARG B 121 -10.61 3.83 -10.14
CA ARG B 121 -10.03 3.08 -11.25
C ARG B 121 -10.76 1.78 -11.49
N ASP B 123 -14.20 1.65 -10.71
CA ASP B 123 -15.60 2.05 -10.79
C ASP B 123 -16.43 1.17 -9.83
N VAL B 124 -16.05 1.21 -8.55
CA VAL B 124 -16.75 0.49 -7.52
C VAL B 124 -17.19 1.48 -6.49
N PRO B 125 -18.44 1.35 -6.03
CA PRO B 125 -19.00 2.25 -5.02
C PRO B 125 -18.27 2.22 -3.65
N CYS B 126 -18.45 3.28 -2.87
CA CYS B 126 -17.85 3.42 -1.56
C CYS B 126 -18.85 3.90 -0.51
N ILE B 127 -18.78 3.34 0.70
CA ILE B 127 -19.69 3.77 1.76
C ILE B 127 -18.81 4.47 2.79
N ILE B 128 -18.57 5.77 2.59
CA ILE B 128 -17.76 6.55 3.53
C ILE B 128 -18.48 6.70 4.85
N HIS B 129 -17.75 6.61 5.95
CA HIS B 129 -18.42 6.74 7.23
C HIS B 129 -18.09 8.05 7.93
N THR B 130 -19.12 8.69 8.47
CA THR B 130 -18.96 9.95 9.16
C THR B 130 -18.84 9.76 10.67
N PRO B 131 -17.72 10.22 11.26
CA PRO B 131 -17.46 10.11 12.70
C PRO B 131 -18.61 10.60 13.59
N ARG B 132 -18.67 10.07 14.81
CA ARG B 132 -19.71 10.44 15.76
C ARG B 132 -19.28 11.67 16.58
N GLY B 133 -17.96 11.87 16.69
CA GLY B 133 -17.43 12.99 17.43
C GLY B 133 -17.54 14.30 16.69
N ASN B 134 -16.58 14.52 15.77
CA ASN B 134 -16.55 15.73 14.96
C ASN B 134 -17.34 15.47 13.68
N LYS B 135 -18.55 14.93 13.84
CA LYS B 135 -19.42 14.62 12.71
C LYS B 135 -19.67 15.84 11.79
N LEU B 136 -19.05 16.97 12.11
CA LEU B 136 -19.18 18.20 11.31
C LEU B 136 -17.80 18.72 10.90
N LYS B 137 -16.83 18.56 11.77
CA LYS B 137 -15.49 19.02 11.47
C LYS B 137 -14.80 17.98 10.60
N ALA B 138 -15.28 16.74 10.70
CA ALA B 138 -14.73 15.62 9.95
C ALA B 138 -15.31 15.43 8.55
N THR B 139 -16.63 15.45 8.46
CA THR B 139 -17.32 15.30 7.18
C THR B 139 -16.85 16.37 6.18
N ARG B 140 -16.43 17.52 6.70
CA ARG B 140 -15.96 18.59 5.85
C ARG B 140 -14.72 18.05 5.14
N LYS B 141 -13.72 17.67 5.92
CA LYS B 141 -12.47 17.12 5.37
C LYS B 141 -12.78 16.01 4.36
N THR B 142 -13.66 15.09 4.77
CA THR B 142 -14.06 13.98 3.92
C THR B 142 -14.62 14.54 2.61
N LEU B 143 -15.59 15.42 2.74
CA LEU B 143 -16.20 16.02 1.58
C LEU B 143 -15.14 16.84 0.88
N GLU B 144 -14.06 17.18 1.58
CA GLU B 144 -13.02 17.93 0.92
C GLU B 144 -12.11 17.00 0.12
N ILE B 145 -11.70 15.88 0.72
CA ILE B 145 -10.84 14.91 0.06
C ILE B 145 -11.60 14.37 -1.15
N LEU B 146 -12.85 14.01 -0.90
CA LEU B 146 -13.69 13.47 -1.94
C LEU B 146 -13.83 14.44 -3.11
N GLU B 147 -13.65 15.72 -2.81
CA GLU B 147 -13.74 16.79 -3.79
C GLU B 147 -12.59 16.76 -4.79
N SER B 148 -11.38 16.85 -4.25
CA SER B 148 -10.16 16.85 -5.04
C SER B 148 -10.12 15.73 -6.07
N LEU B 149 -10.23 14.48 -5.62
CA LEU B 149 -10.20 13.33 -6.52
C LEU B 149 -11.27 13.43 -7.62
N ASP B 150 -12.16 14.41 -7.50
CA ASP B 150 -13.23 14.58 -8.46
C ASP B 150 -13.98 13.26 -8.52
N PHE B 151 -14.34 12.74 -7.35
CA PHE B 151 -15.06 11.48 -7.28
C PHE B 151 -16.48 11.65 -7.81
N PRO B 152 -16.87 10.81 -8.79
CA PRO B 152 -18.22 10.92 -9.36
C PRO B 152 -19.34 10.77 -8.31
N ALA B 153 -20.32 11.67 -8.37
CA ALA B 153 -21.42 11.67 -7.41
C ALA B 153 -22.30 10.44 -7.47
N ASP B 154 -21.80 9.36 -8.04
CA ASP B 154 -22.59 8.15 -8.12
C ASP B 154 -21.78 6.94 -7.72
N LEU B 155 -20.76 7.16 -6.92
CA LEU B 155 -19.94 6.04 -6.51
C LEU B 155 -19.60 6.17 -5.04
N ALA B 156 -20.22 7.14 -4.38
CA ALA B 156 -19.97 7.38 -2.97
C ALA B 156 -21.22 7.75 -2.23
N VAL B 157 -21.26 7.35 -0.97
CA VAL B 157 -22.41 7.64 -0.15
C VAL B 157 -21.99 7.99 1.25
N ILE B 158 -22.24 9.24 1.65
CA ILE B 158 -21.90 9.68 2.99
C ILE B 158 -22.92 9.06 3.92
N ASP B 159 -22.42 8.42 4.98
CA ASP B 159 -23.28 7.73 5.92
C ASP B 159 -23.31 8.37 7.32
N HIS B 160 -24.32 8.02 8.11
CA HIS B 160 -24.46 8.56 9.46
C HIS B 160 -24.55 10.07 9.33
N VAL B 161 -25.31 10.50 8.34
CA VAL B 161 -25.54 11.92 8.07
C VAL B 161 -26.50 12.39 9.17
N ASN B 162 -25.96 13.01 10.21
CA ASN B 162 -26.78 13.47 11.33
C ASN B 162 -27.62 14.70 11.00
N PHE B 163 -28.63 14.95 11.83
CA PHE B 163 -29.54 16.09 11.64
C PHE B 163 -28.82 17.44 11.46
N GLU B 164 -27.71 17.65 12.17
CA GLU B 164 -26.97 18.90 12.08
C GLU B 164 -25.75 18.80 11.17
N THR B 165 -26.01 18.40 9.93
CA THR B 165 -24.93 18.30 8.96
C THR B 165 -25.52 17.89 7.62
N LEU B 166 -26.82 17.60 7.61
CA LEU B 166 -27.53 17.21 6.41
C LEU B 166 -27.51 18.31 5.37
N ASP B 167 -27.21 19.53 5.79
CA ASP B 167 -27.14 20.67 4.88
C ASP B 167 -25.78 20.68 4.18
N VAL B 169 -23.63 18.09 3.44
CA VAL B 169 -23.54 17.07 2.40
C VAL B 169 -24.53 17.33 1.25
N LEU B 170 -25.59 18.11 1.52
CA LEU B 170 -26.56 18.44 0.47
C LEU B 170 -25.93 19.37 -0.56
N GLU B 171 -25.03 20.23 -0.08
CA GLU B 171 -24.32 21.17 -0.95
C GLU B 171 -23.46 20.37 -1.94
N THR B 172 -23.61 19.05 -1.91
CA THR B 172 -22.87 18.18 -2.81
C THR B 172 -23.87 17.34 -3.56
N GLU B 173 -23.35 16.52 -4.45
CA GLU B 173 -24.16 15.65 -5.29
C GLU B 173 -24.03 14.16 -4.92
N TYR B 174 -23.30 13.86 -3.84
CA TYR B 174 -23.13 12.49 -3.39
C TYR B 174 -24.40 11.99 -2.71
N TRP B 175 -24.49 10.67 -2.52
CA TRP B 175 -25.66 10.10 -1.88
C TRP B 175 -25.52 10.24 -0.38
N ILE B 176 -26.66 10.43 0.27
CA ILE B 176 -26.64 10.58 1.70
C ILE B 176 -27.24 9.37 2.37
N GLY B 177 -26.54 8.88 3.39
CA GLY B 177 -27.01 7.72 4.10
C GLY B 177 -27.64 8.17 5.40
N LEU B 178 -28.86 7.71 5.65
CA LEU B 178 -29.57 8.06 6.87
C LEU B 178 -29.66 6.87 7.81
N THR B 179 -28.89 6.93 8.88
CA THR B 179 -28.86 5.86 9.85
C THR B 179 -29.87 6.10 10.97
N VAL B 180 -30.77 5.14 11.19
CA VAL B 180 -31.81 5.28 12.22
C VAL B 180 -31.37 4.98 13.66
N GLN B 181 -30.34 4.14 13.80
CA GLN B 181 -29.79 3.77 15.11
C GLN B 181 -30.78 3.09 16.03
N ASP B 189 -32.55 10.32 16.12
CA ASP B 189 -32.84 8.89 16.18
C ASP B 189 -33.83 8.51 15.05
N ALA B 190 -35.11 8.39 15.39
CA ALA B 190 -36.15 8.02 14.43
C ALA B 190 -36.84 9.22 13.79
N ALA B 191 -36.47 10.41 14.26
CA ALA B 191 -37.01 11.68 13.78
C ALA B 191 -36.34 12.10 12.48
N ARG B 192 -35.81 11.11 11.75
CA ARG B 192 -35.12 11.36 10.49
C ARG B 192 -36.14 11.35 9.35
N ILE B 193 -37.32 10.80 9.62
CA ILE B 193 -38.38 10.73 8.61
C ILE B 193 -38.67 12.14 8.06
N VAL B 194 -38.77 13.11 8.96
CA VAL B 194 -39.02 14.49 8.58
C VAL B 194 -37.95 14.99 7.60
N ALA B 195 -36.77 14.35 7.66
CA ALA B 195 -35.65 14.71 6.78
C ALA B 195 -35.91 14.27 5.34
N GLU B 196 -37.18 13.99 5.03
CA GLU B 196 -37.55 13.58 3.68
C GLU B 196 -37.96 14.80 2.87
N HIS B 197 -37.71 16.00 3.42
CA HIS B 197 -38.04 17.26 2.77
C HIS B 197 -37.78 17.21 1.26
N GLY B 198 -36.76 16.45 0.86
CA GLY B 198 -36.41 16.32 -0.54
C GLY B 198 -36.52 14.91 -1.07
N GLU B 200 -33.29 13.28 -3.88
CA GLU B 200 -33.86 12.12 -3.21
C GLU B 200 -32.73 11.14 -3.14
N ARG B 201 -31.58 11.60 -2.68
CA ARG B 201 -30.44 10.72 -2.57
C ARG B 201 -30.25 10.23 -1.14
N PHE B 202 -31.25 9.50 -0.65
CA PHE B 202 -31.23 8.95 0.70
C PHE B 202 -31.31 7.41 0.74
N LEU B 204 -31.90 4.20 3.88
CA LEU B 204 -32.11 3.81 5.25
C LEU B 204 -31.17 2.67 5.58
N ASN B 205 -30.48 2.82 6.72
CA ASN B 205 -29.54 1.83 7.20
C ASN B 205 -29.62 1.74 8.71
N SER B 206 -29.78 0.53 9.24
CA SER B 206 -29.86 0.36 10.68
C SER B 206 -28.44 0.37 11.25
N ASP B 207 -27.49 -0.14 10.47
CA ASP B 207 -26.08 -0.22 10.89
C ASP B 207 -25.92 -1.20 12.06
N ALA B 208 -26.81 -2.20 12.10
CA ALA B 208 -26.78 -3.21 13.16
C ALA B 208 -25.38 -3.85 13.29
N GLY B 209 -24.65 -3.41 14.31
CA GLY B 209 -23.31 -3.92 14.54
C GLY B 209 -23.18 -5.04 15.57
N TYR B 210 -22.09 -5.02 16.31
CA TYR B 210 -21.84 -6.03 17.31
C TYR B 210 -22.71 -5.87 18.57
N ARG B 211 -23.11 -4.62 18.89
CA ARG B 211 -23.97 -4.32 20.04
C ARG B 211 -25.44 -4.21 19.59
N VAL B 218 -33.51 -4.29 18.52
CA VAL B 218 -32.30 -3.47 18.47
C VAL B 218 -31.87 -3.28 17.02
N ALA B 219 -31.79 -4.40 16.30
CA ALA B 219 -31.36 -4.43 14.91
C ALA B 219 -32.53 -4.37 13.94
N GLU B 220 -33.41 -3.38 14.12
CA GLU B 220 -34.56 -3.24 13.25
C GLU B 220 -35.03 -1.79 13.15
N ALA B 221 -34.22 -0.94 12.53
CA ALA B 221 -34.53 0.47 12.38
C ALA B 221 -34.72 0.83 10.90
N ALA B 222 -34.13 0.03 10.00
CA ALA B 222 -34.23 0.27 8.56
C ALA B 222 -35.63 -0.04 8.04
N VAL B 223 -36.59 -0.15 8.96
CA VAL B 223 -37.99 -0.44 8.61
C VAL B 223 -38.95 0.27 9.55
N LYS B 224 -38.50 0.47 10.79
CA LYS B 224 -39.34 1.15 11.77
C LYS B 224 -39.67 2.53 11.20
N ILE B 225 -38.64 3.30 10.88
CA ILE B 225 -38.85 4.63 10.32
C ILE B 225 -39.01 4.54 8.80
N GLU B 226 -38.48 3.48 8.20
CA GLU B 226 -38.57 3.29 6.75
C GLU B 226 -40.04 3.18 6.37
N GLU B 227 -40.88 2.98 7.38
CA GLU B 227 -42.30 2.87 7.17
C GLU B 227 -43.04 4.09 7.73
N ALA B 228 -42.45 4.72 8.75
CA ALA B 228 -43.03 5.90 9.40
C ALA B 228 -43.50 6.93 8.37
N VAL B 229 -42.83 6.94 7.23
CA VAL B 229 -43.17 7.86 6.15
C VAL B 229 -44.63 7.66 5.69
N GLY B 230 -45.52 8.49 6.22
CA GLY B 230 -46.93 8.42 5.85
C GLY B 230 -47.06 8.71 4.36
N ARG B 231 -46.01 9.32 3.79
CA ARG B 231 -45.94 9.67 2.36
C ARG B 231 -46.06 8.41 1.48
N GLU B 232 -45.95 7.23 2.11
CA GLU B 232 -46.04 5.92 1.46
C GLU B 232 -45.46 5.87 0.03
N GLU B 233 -45.81 4.81 -0.71
CA GLU B 233 -45.38 4.58 -2.10
C GLU B 233 -43.99 5.15 -2.44
N GLU B 235 -41.74 6.28 -0.75
CA GLU B 235 -40.75 5.69 0.17
C GLU B 235 -39.90 4.58 -0.44
N LYS B 236 -40.45 3.90 -1.43
CA LYS B 236 -39.75 2.83 -2.11
C LYS B 236 -38.38 3.30 -2.61
N VAL B 237 -38.11 4.61 -2.53
CA VAL B 237 -36.82 5.12 -2.97
C VAL B 237 -35.94 5.53 -1.78
N ALA B 238 -36.17 4.93 -0.62
CA ALA B 238 -35.37 5.21 0.55
C ALA B 238 -35.01 3.85 1.16
N ARG B 239 -35.79 2.84 0.77
CA ARG B 239 -35.61 1.47 1.21
C ARG B 239 -34.93 0.66 0.13
N GLU B 240 -35.45 0.70 -1.10
CA GLU B 240 -34.85 -0.02 -2.23
C GLU B 240 -34.26 0.95 -3.29
N ASN B 241 -33.63 2.02 -2.80
CA ASN B 241 -33.00 3.04 -3.62
C ASN B 241 -31.50 2.81 -3.50
N ALA B 242 -31.13 1.96 -2.55
CA ALA B 242 -29.75 1.60 -2.32
C ALA B 242 -29.37 0.52 -3.33
N ARG B 243 -30.35 0.04 -4.10
CA ARG B 243 -30.10 -0.99 -5.10
C ARG B 243 -29.52 -0.36 -6.35
N LYS B 244 -29.91 0.89 -6.61
CA LYS B 244 -29.42 1.62 -7.77
C LYS B 244 -27.96 1.95 -7.52
N PHE B 245 -27.66 2.44 -6.33
CA PHE B 245 -26.30 2.80 -5.93
C PHE B 245 -25.34 1.61 -5.90
N LEU B 246 -25.85 0.48 -5.45
CA LEU B 246 -25.07 -0.73 -5.35
C LEU B 246 -25.19 -1.56 -6.63
N ARG B 247 -25.92 -1.00 -7.58
CA ARG B 247 -26.11 -1.63 -8.89
C ARG B 247 -26.49 -3.12 -8.85
N VAL B 248 -27.78 -3.40 -8.66
CA VAL B 248 -28.27 -4.78 -8.59
C VAL B 248 -29.80 -4.83 -8.68
N TYR C 2 1.50 14.24 -33.21
CA TYR C 2 1.34 15.40 -32.29
C TYR C 2 2.71 15.86 -31.90
N PHE C 3 2.77 16.94 -31.10
CA PHE C 3 4.04 17.49 -30.64
C PHE C 3 3.84 18.19 -29.31
N ASP C 4 4.90 18.25 -28.51
CA ASP C 4 4.83 18.89 -27.20
C ASP C 4 6.13 19.58 -26.76
N SER C 5 6.27 20.86 -27.09
CA SER C 5 7.47 21.61 -26.71
C SER C 5 7.56 21.66 -25.19
N HIS C 6 8.71 22.07 -24.68
CA HIS C 6 8.91 22.16 -23.23
C HIS C 6 8.44 20.96 -22.43
N LEU C 7 9.40 20.08 -22.16
CA LEU C 7 9.15 18.86 -21.46
C LEU C 7 10.48 18.31 -20.99
N HIS C 8 10.75 18.45 -19.69
CA HIS C 8 12.01 17.97 -19.10
C HIS C 8 12.15 16.46 -19.06
N SER C 9 13.04 15.93 -19.88
CA SER C 9 13.27 14.48 -20.00
C SER C 9 14.00 13.82 -18.83
N GLU C 10 15.05 14.48 -18.38
CA GLU C 10 15.84 13.98 -17.26
C GLU C 10 14.97 13.79 -16.01
N GLY C 11 13.70 14.19 -16.11
CA GLY C 11 12.80 14.04 -14.98
C GLY C 11 11.64 13.12 -15.28
N LEU C 12 11.79 12.32 -16.33
CA LEU C 12 10.77 11.37 -16.72
C LEU C 12 11.34 9.99 -16.80
N GLY C 13 10.53 9.00 -16.48
CA GLY C 13 10.97 7.62 -16.54
C GLY C 13 10.53 7.01 -17.84
N PHE C 14 11.15 5.91 -18.22
CA PHE C 14 10.83 5.24 -19.46
C PHE C 14 9.34 4.93 -19.53
N SER C 15 8.78 4.53 -18.40
CA SER C 15 7.35 4.24 -18.30
C SER C 15 6.57 5.49 -18.69
N GLU C 16 6.82 6.57 -17.97
CA GLU C 16 6.15 7.83 -18.25
C GLU C 16 6.37 8.22 -19.72
N LEU C 17 7.57 7.96 -20.22
CA LEU C 17 7.93 8.28 -21.59
C LEU C 17 7.03 7.56 -22.57
N VAL C 18 6.91 6.24 -22.39
CA VAL C 18 6.08 5.44 -23.29
C VAL C 18 4.62 5.85 -23.28
N LYS C 19 4.15 6.46 -22.18
CA LYS C 19 2.75 6.88 -22.10
C LYS C 19 2.53 7.97 -23.14
N LEU C 20 3.59 8.71 -23.42
CA LEU C 20 3.54 9.78 -24.38
C LEU C 20 3.38 9.17 -25.78
N LYS C 21 4.23 8.20 -26.10
CA LYS C 21 4.22 7.50 -27.39
C LYS C 21 2.83 7.04 -27.72
N GLU C 22 2.14 6.51 -26.71
CA GLU C 22 0.77 6.03 -26.89
C GLU C 22 -0.23 7.02 -26.34
N ASN C 23 -0.46 8.08 -27.09
CA ASN C 23 -1.39 9.11 -26.70
C ASN C 23 -1.30 10.21 -27.72
N GLY C 24 -0.37 10.03 -28.66
CA GLY C 24 -0.20 11.02 -29.69
C GLY C 24 1.08 11.81 -29.57
N ILE C 25 1.46 12.15 -28.34
CA ILE C 25 2.69 12.93 -28.14
C ILE C 25 3.92 12.13 -28.57
N LYS C 26 4.16 12.04 -29.88
CA LYS C 26 5.27 11.28 -30.41
C LYS C 26 6.45 12.16 -30.78
N GLU C 27 6.35 13.44 -30.42
CA GLU C 27 7.38 14.44 -30.69
C GLU C 27 7.43 15.43 -29.54
N VAL C 28 8.60 15.58 -28.95
CA VAL C 28 8.72 16.49 -27.83
C VAL C 28 10.02 17.27 -27.92
N CYS C 29 10.09 18.32 -27.11
CA CYS C 29 11.27 19.18 -27.06
C CYS C 29 11.72 19.25 -25.60
N SER C 30 12.77 18.51 -25.26
CA SER C 30 13.27 18.51 -23.90
C SER C 30 14.27 19.62 -23.72
N LEU C 31 14.20 20.31 -22.57
CA LEU C 31 15.09 21.43 -22.28
C LEU C 31 16.03 21.16 -21.12
N ALA C 32 17.20 21.80 -21.14
CA ALA C 32 18.19 21.61 -20.09
C ALA C 32 17.79 22.29 -18.79
N PHE C 33 18.05 21.61 -17.68
CA PHE C 33 17.71 22.15 -16.38
C PHE C 33 18.25 21.29 -15.25
N PHE C 34 18.98 21.93 -14.33
CA PHE C 34 19.54 21.20 -13.19
C PHE C 34 18.78 21.55 -11.92
N PRO C 35 18.01 20.58 -11.37
CA PRO C 35 17.21 20.77 -10.15
C PRO C 35 17.93 21.27 -8.92
N VAL C 36 19.14 21.81 -9.11
CA VAL C 36 19.93 22.36 -8.01
C VAL C 36 20.98 23.30 -8.64
N LYS C 37 21.34 24.38 -7.93
CA LYS C 37 22.32 25.36 -8.45
C LYS C 37 23.73 24.80 -8.47
N PRO C 38 24.35 24.73 -9.66
CA PRO C 38 25.69 24.23 -9.88
C PRO C 38 26.76 24.90 -9.04
N LYS C 39 27.79 24.14 -8.72
CA LYS C 39 28.91 24.60 -7.92
C LYS C 39 30.01 24.96 -8.90
N TYR C 40 29.92 24.41 -10.11
CA TYR C 40 30.90 24.65 -11.16
C TYR C 40 30.16 24.80 -12.48
N PRO C 41 30.60 25.73 -13.35
CA PRO C 41 29.96 25.96 -14.64
C PRO C 41 30.12 24.78 -15.61
N GLN C 42 31.17 23.97 -15.42
CA GLN C 42 31.44 22.83 -16.28
C GLN C 42 30.39 21.76 -16.15
N THR C 43 29.77 21.69 -15.00
CA THR C 43 28.74 20.70 -14.79
C THR C 43 27.70 20.79 -15.91
N ILE C 45 27.84 21.69 -18.85
CA ILE C 45 28.31 21.09 -20.08
C ILE C 45 27.95 19.62 -20.12
N ASP C 46 28.28 18.91 -19.04
CA ASP C 46 27.99 17.48 -18.95
C ASP C 46 26.48 17.21 -18.98
N VAL C 47 25.71 18.05 -18.29
CA VAL C 47 24.26 17.90 -18.30
C VAL C 47 23.79 18.04 -19.74
N PHE C 48 24.57 18.77 -20.53
CA PHE C 48 24.26 18.98 -21.93
C PHE C 48 24.62 17.73 -22.68
N ARG C 49 25.83 17.22 -22.43
CA ARG C 49 26.32 16.01 -23.07
C ARG C 49 25.29 14.90 -22.85
N LYS C 50 24.82 14.80 -21.61
CA LYS C 50 23.83 13.79 -21.29
C LYS C 50 22.55 14.07 -22.05
N LEU C 51 22.19 15.36 -22.13
CA LEU C 51 20.95 15.79 -22.79
C LEU C 51 20.91 15.67 -24.31
N THR C 52 22.06 15.64 -24.98
CA THR C 52 22.04 15.57 -26.42
C THR C 52 22.69 14.31 -27.03
N GLU C 53 23.26 13.46 -26.19
CA GLU C 53 23.93 12.24 -26.64
C GLU C 53 23.36 10.99 -26.02
N PHE C 54 22.53 11.15 -25.00
CA PHE C 54 21.92 10.03 -24.30
C PHE C 54 20.41 10.11 -24.28
N GLU C 55 19.90 11.28 -23.94
CA GLU C 55 18.46 11.44 -23.85
C GLU C 55 17.71 11.15 -25.16
N PRO C 56 18.17 11.69 -26.30
CA PRO C 56 17.44 11.40 -27.55
C PRO C 56 17.25 9.89 -27.83
N LEU C 57 18.25 9.07 -27.48
CA LEU C 57 18.17 7.59 -27.66
C LEU C 57 17.15 7.03 -26.70
N ARG C 58 17.35 7.40 -25.43
CA ARG C 58 16.48 6.97 -24.36
C ARG C 58 15.02 7.24 -24.70
N CYS C 59 14.80 8.31 -25.46
CA CYS C 59 13.44 8.68 -25.87
C CYS C 59 12.96 7.89 -27.10
N GLU C 60 13.75 7.90 -28.18
CA GLU C 60 13.35 7.21 -29.40
C GLU C 60 13.20 5.72 -29.15
N ALA C 61 13.88 5.23 -28.12
CA ALA C 61 13.79 3.83 -27.80
C ALA C 61 12.40 3.54 -27.23
N ALA C 62 11.69 4.57 -26.81
CA ALA C 62 10.35 4.43 -26.24
C ALA C 62 9.30 4.75 -27.29
N GLY C 63 9.77 5.29 -28.41
CA GLY C 63 8.89 5.66 -29.49
C GLY C 63 8.62 7.15 -29.58
N VAL C 64 9.55 7.99 -29.11
CA VAL C 64 9.37 9.43 -29.19
C VAL C 64 10.61 10.16 -29.68
N LYS C 65 10.43 11.01 -30.69
CA LYS C 65 11.50 11.77 -31.30
C LYS C 65 11.70 13.03 -30.47
N HIS C 67 13.55 16.45 -29.33
CA HIS C 67 14.40 17.52 -29.86
C HIS C 67 14.96 18.24 -28.62
N PRO C 68 16.24 17.99 -28.32
CA PRO C 68 16.95 18.57 -27.17
C PRO C 68 17.10 20.07 -27.30
N ALA C 69 17.20 20.74 -26.16
CA ALA C 69 17.40 22.19 -26.13
C ALA C 69 18.38 22.42 -25.00
N VAL C 70 19.31 23.35 -25.18
CA VAL C 70 20.33 23.61 -24.17
C VAL C 70 20.34 25.07 -23.72
N GLY C 71 20.85 25.33 -22.52
CA GLY C 71 20.89 26.71 -22.03
C GLY C 71 21.12 26.71 -20.54
N ILE C 72 20.85 27.83 -19.89
CA ILE C 72 21.05 27.89 -18.45
C ILE C 72 19.88 28.56 -17.72
N HIS C 73 19.13 27.73 -17.02
CA HIS C 73 17.97 28.19 -16.27
C HIS C 73 18.41 29.17 -15.20
N PRO C 74 17.57 30.17 -14.89
CA PRO C 74 17.89 31.17 -13.88
C PRO C 74 18.05 30.62 -12.47
N ARG C 75 17.33 29.55 -12.16
CA ARG C 75 17.41 28.97 -10.81
C ARG C 75 18.62 28.08 -10.62
N CYS C 76 19.50 28.05 -11.60
CA CYS C 76 20.70 27.22 -11.51
C CYS C 76 21.85 27.84 -12.29
N ILE C 77 22.13 29.11 -12.00
CA ILE C 77 23.20 29.86 -12.65
C ILE C 77 24.50 29.60 -11.90
N PRO C 78 25.41 28.83 -12.51
CA PRO C 78 26.71 28.51 -11.91
C PRO C 78 27.54 29.77 -11.83
N PRO C 79 28.58 29.79 -10.97
CA PRO C 79 29.42 30.99 -10.84
C PRO C 79 29.92 31.55 -12.16
N ASP C 80 30.94 30.90 -12.70
CA ASP C 80 31.51 31.36 -13.94
C ASP C 80 30.65 31.00 -15.13
N TYR C 81 29.42 31.49 -15.15
CA TYR C 81 28.49 31.19 -16.24
C TYR C 81 29.07 31.51 -17.61
N GLU C 82 30.13 32.30 -17.59
CA GLU C 82 30.84 32.71 -18.78
C GLU C 82 31.36 31.42 -19.42
N PHE C 83 31.84 30.53 -18.56
CA PHE C 83 32.39 29.26 -19.01
C PHE C 83 31.41 28.41 -19.78
N VAL C 84 30.11 28.56 -19.50
CA VAL C 84 29.07 27.77 -20.18
C VAL C 84 28.68 28.33 -21.56
N LEU C 85 28.92 29.62 -21.77
CA LEU C 85 28.60 30.27 -23.05
C LEU C 85 29.67 29.99 -24.09
N GLY C 86 30.88 29.69 -23.62
CA GLY C 86 31.98 29.38 -24.52
C GLY C 86 31.71 28.06 -25.24
N TYR C 87 31.45 27.01 -24.45
CA TYR C 87 31.16 25.68 -24.99
C TYR C 87 29.97 25.78 -25.94
N LEU C 88 29.03 26.65 -25.58
CA LEU C 88 27.85 26.86 -26.38
C LEU C 88 28.19 27.48 -27.72
N GLU C 89 28.97 28.57 -27.69
CA GLU C 89 29.33 29.27 -28.92
C GLU C 89 30.14 28.41 -29.89
N GLU C 90 30.28 27.13 -29.54
CA GLU C 90 31.00 26.18 -30.37
C GLU C 90 30.04 25.21 -31.02
N GLY C 91 29.73 24.11 -30.34
CA GLY C 91 28.80 23.13 -30.89
C GLY C 91 27.55 23.74 -31.52
N GLU C 92 26.99 23.04 -32.51
CA GLU C 92 25.78 23.49 -33.22
C GLU C 92 24.55 23.07 -32.39
N TRP C 93 23.52 23.89 -32.36
CA TRP C 93 22.37 23.52 -31.54
C TRP C 93 21.04 23.63 -32.24
N VAL C 94 20.04 22.93 -31.70
CA VAL C 94 18.66 22.92 -32.21
C VAL C 94 17.83 24.06 -31.60
N ALA C 95 18.13 24.43 -30.36
CA ALA C 95 17.40 25.51 -29.68
C ALA C 95 17.87 25.68 -28.25
N PHE C 96 17.73 26.91 -27.76
CA PHE C 96 18.12 27.26 -26.40
C PHE C 96 16.94 27.11 -25.44
N GLY C 97 16.96 26.02 -24.69
CA GLY C 97 15.88 25.73 -23.76
C GLY C 97 16.06 26.15 -22.32
N GLU C 98 14.93 26.54 -21.74
CA GLU C 98 14.84 26.99 -20.35
C GLU C 98 15.80 28.08 -19.96
N ILE C 99 15.46 29.29 -20.35
CA ILE C 99 16.25 30.46 -20.01
C ILE C 99 15.28 31.60 -19.67
N GLY C 100 15.70 32.50 -18.81
CA GLY C 100 14.83 33.60 -18.44
C GLY C 100 15.17 34.24 -17.12
N LEU C 101 14.22 35.03 -16.64
CA LEU C 101 14.36 35.72 -15.38
C LEU C 101 13.42 35.07 -14.39
N GLU C 102 13.69 35.29 -13.10
CA GLU C 102 12.91 34.71 -12.02
C GLU C 102 12.70 35.78 -10.94
N LEU C 103 13.79 36.23 -10.35
CA LEU C 103 13.73 37.24 -9.30
C LEU C 103 14.23 38.60 -9.82
N VAL C 104 14.10 38.78 -11.14
CA VAL C 104 14.54 39.99 -11.82
C VAL C 104 15.96 40.43 -11.41
N THR C 105 16.69 39.57 -10.72
CA THR C 105 18.06 39.88 -10.30
C THR C 105 18.89 40.35 -11.49
N ASP C 106 19.88 41.19 -11.25
CA ASP C 106 20.72 41.66 -12.33
C ASP C 106 21.52 40.48 -12.89
N GLU C 107 21.80 39.50 -12.03
CA GLU C 107 22.55 38.31 -12.40
C GLU C 107 21.86 37.49 -13.48
N GLU C 108 20.53 37.44 -13.40
CA GLU C 108 19.77 36.72 -14.41
C GLU C 108 19.86 37.50 -15.71
N ILE C 109 19.52 38.78 -15.62
CA ILE C 109 19.54 39.67 -16.76
C ILE C 109 20.80 39.44 -17.58
N GLU C 110 21.93 39.35 -16.90
CA GLU C 110 23.21 39.14 -17.58
C GLU C 110 23.28 37.74 -18.19
N VAL C 111 22.92 36.72 -17.41
CA VAL C 111 22.95 35.36 -17.90
C VAL C 111 21.86 35.20 -18.96
N LEU C 112 20.79 35.95 -18.83
CA LEU C 112 19.69 35.86 -19.79
C LEU C 112 20.05 36.60 -21.08
N LYS C 113 20.55 37.82 -20.92
CA LYS C 113 20.94 38.64 -22.04
C LYS C 113 22.07 37.97 -22.80
N SER C 114 23.16 37.67 -22.10
CA SER C 114 24.30 37.02 -22.71
C SER C 114 23.88 35.89 -23.61
N GLN C 115 22.83 35.15 -23.22
CA GLN C 115 22.37 34.03 -24.03
C GLN C 115 21.56 34.50 -25.22
N LEU C 116 20.43 35.16 -24.97
CA LEU C 116 19.58 35.65 -26.06
C LEU C 116 20.41 36.45 -27.05
N GLU C 117 21.47 37.09 -26.54
CA GLU C 117 22.35 37.87 -27.38
C GLU C 117 23.05 36.91 -28.33
N LEU C 118 23.81 35.97 -27.77
CA LEU C 118 24.52 34.98 -28.56
C LEU C 118 23.58 34.30 -29.57
N ALA C 119 22.37 33.99 -29.09
CA ALA C 119 21.34 33.34 -29.90
C ALA C 119 21.09 34.08 -31.20
N LYS C 120 21.17 35.40 -31.13
CA LYS C 120 20.97 36.23 -32.31
C LYS C 120 22.12 36.05 -33.30
N ARG C 121 23.30 35.69 -32.80
CA ARG C 121 24.46 35.53 -33.67
C ARG C 121 24.52 34.15 -34.30
N ASP C 123 21.43 32.48 -34.84
CA ASP C 123 20.09 32.30 -35.38
C ASP C 123 19.50 30.96 -34.89
N VAL C 124 19.43 30.85 -33.56
CA VAL C 124 18.86 29.66 -32.93
C VAL C 124 17.74 30.11 -32.03
N PRO C 125 16.64 29.38 -32.07
CA PRO C 125 15.48 29.70 -31.24
C PRO C 125 15.71 29.61 -29.72
N CYS C 126 14.86 30.31 -28.97
CA CYS C 126 14.93 30.35 -27.50
C CYS C 126 13.55 30.14 -26.86
N ILE C 127 13.50 29.36 -25.78
CA ILE C 127 12.24 29.12 -25.07
C ILE C 127 12.34 29.87 -23.73
N ILE C 128 12.03 31.16 -23.72
CA ILE C 128 12.11 31.93 -22.47
C ILE C 128 11.04 31.45 -21.53
N HIS C 129 11.34 31.41 -20.24
CA HIS C 129 10.36 30.94 -19.30
C HIS C 129 9.85 32.06 -18.41
N THR C 130 8.54 32.10 -18.23
CA THR C 130 7.90 33.11 -17.41
C THR C 130 7.66 32.62 -15.99
N PRO C 131 8.19 33.33 -14.99
CA PRO C 131 8.06 32.98 -13.57
C PRO C 131 6.61 32.75 -13.11
N ARG C 132 6.45 31.96 -12.06
CA ARG C 132 5.12 31.66 -11.52
C ARG C 132 4.70 32.71 -10.51
N GLY C 133 5.69 33.36 -9.90
CA GLY C 133 5.42 34.39 -8.92
C GLY C 133 4.95 35.69 -9.53
N ASN C 134 5.91 36.48 -10.01
CA ASN C 134 5.62 37.76 -10.64
C ASN C 134 5.44 37.54 -12.15
N LYS C 135 4.63 36.54 -12.49
CA LYS C 135 4.38 36.20 -13.89
C LYS C 135 3.89 37.41 -14.70
N LEU C 136 3.78 38.58 -14.05
CA LEU C 136 3.33 39.81 -14.74
C LEU C 136 4.36 40.91 -14.57
N LYS C 137 5.01 40.92 -13.42
CA LYS C 137 6.03 41.93 -13.17
C LYS C 137 7.34 41.50 -13.82
N ALA C 138 7.47 40.18 -14.02
CA ALA C 138 8.66 39.59 -14.60
C ALA C 138 8.64 39.54 -16.13
N THR C 139 7.54 39.08 -16.71
CA THR C 139 7.41 38.99 -18.18
C THR C 139 7.61 40.36 -18.81
N ARG C 140 7.27 41.41 -18.07
CA ARG C 140 7.46 42.75 -18.59
C ARG C 140 8.95 42.91 -18.86
N LYS C 141 9.76 42.80 -17.80
CA LYS C 141 11.21 42.94 -17.90
C LYS C 141 11.75 42.07 -19.04
N THR C 142 11.30 40.83 -19.08
CA THR C 142 11.72 39.89 -20.12
C THR C 142 11.39 40.47 -21.47
N LEU C 143 10.13 40.83 -21.63
CA LEU C 143 9.66 41.40 -22.86
C LEU C 143 10.35 42.75 -23.06
N GLU C 144 10.94 43.29 -21.99
CA GLU C 144 11.65 44.54 -22.14
C GLU C 144 13.06 44.26 -22.63
N ILE C 145 13.75 43.29 -22.01
CA ILE C 145 15.12 42.91 -22.42
C ILE C 145 15.07 42.43 -23.86
N LEU C 146 14.09 41.56 -24.14
CA LEU C 146 13.93 41.00 -25.45
C LEU C 146 13.73 42.10 -26.49
N GLU C 147 13.21 43.23 -26.03
CA GLU C 147 12.94 44.40 -26.87
C GLU C 147 14.22 45.06 -27.37
N SER C 148 15.03 45.49 -26.42
CA SER C 148 16.28 46.16 -26.72
C SER C 148 17.13 45.42 -27.74
N LEU C 149 17.44 44.17 -27.47
CA LEU C 149 18.25 43.37 -28.40
C LEU C 149 17.62 43.29 -29.79
N ASP C 150 16.40 43.80 -29.92
CA ASP C 150 15.71 43.76 -31.20
C ASP C 150 15.68 42.31 -31.65
N PHE C 151 15.31 41.42 -30.73
CA PHE C 151 15.25 39.99 -31.05
C PHE C 151 14.14 39.74 -32.06
N PRO C 152 14.45 39.04 -33.17
CA PRO C 152 13.44 38.76 -34.20
C PRO C 152 12.27 37.93 -33.67
N ALA C 153 11.06 38.37 -33.99
CA ALA C 153 9.85 37.71 -33.52
C ALA C 153 9.67 36.27 -34.00
N ASP C 154 10.75 35.64 -34.45
CA ASP C 154 10.67 34.28 -34.92
C ASP C 154 11.78 33.42 -34.36
N LEU C 155 12.31 33.83 -33.23
CA LEU C 155 13.39 33.08 -32.62
C LEU C 155 13.17 32.98 -31.14
N ALA C 156 12.00 33.41 -30.69
CA ALA C 156 11.73 33.37 -29.27
C ALA C 156 10.28 33.01 -29.00
N VAL C 157 10.06 32.36 -27.88
CA VAL C 157 8.73 31.96 -27.52
C VAL C 157 8.53 32.11 -26.05
N ILE C 158 7.61 32.99 -25.67
CA ILE C 158 7.32 33.20 -24.26
C ILE C 158 6.48 32.00 -23.82
N ASP C 159 6.88 31.39 -22.71
CA ASP C 159 6.18 30.21 -22.22
C ASP C 159 5.47 30.43 -20.88
N HIS C 160 4.57 29.52 -20.53
CA HIS C 160 3.81 29.64 -19.29
C HIS C 160 3.08 30.97 -19.31
N VAL C 161 2.53 31.29 -20.48
CA VAL C 161 1.79 32.52 -20.67
C VAL C 161 0.44 32.30 -19.97
N ASN C 162 0.31 32.80 -18.75
CA ASN C 162 -0.91 32.61 -17.97
C ASN C 162 -2.09 33.45 -18.46
N PHE C 163 -3.29 33.08 -18.03
CA PHE C 163 -4.52 33.77 -18.43
C PHE C 163 -4.48 35.30 -18.22
N GLU C 164 -3.85 35.74 -17.13
CA GLU C 164 -3.78 37.17 -16.83
C GLU C 164 -2.46 37.79 -17.25
N THR C 165 -2.11 37.64 -18.51
CA THR C 165 -0.89 38.20 -19.03
C THR C 165 -0.81 37.94 -20.53
N LEU C 166 -1.77 37.16 -21.04
CA LEU C 166 -1.84 36.83 -22.46
C LEU C 166 -2.01 38.07 -23.31
N ASP C 167 -2.43 39.16 -22.70
CA ASP C 167 -2.63 40.42 -23.42
C ASP C 167 -1.30 41.12 -23.58
N VAL C 169 1.91 39.86 -23.70
CA VAL C 169 2.75 39.25 -24.71
C VAL C 169 2.13 39.38 -26.12
N LEU C 170 0.82 39.58 -26.18
CA LEU C 170 0.15 39.73 -27.48
C LEU C 170 0.55 41.06 -28.13
N GLU C 171 0.78 42.07 -27.29
CA GLU C 171 1.20 43.40 -27.75
C GLU C 171 2.57 43.29 -28.41
N THR C 172 3.04 42.05 -28.56
CA THR C 172 4.32 41.76 -29.19
C THR C 172 4.09 40.82 -30.33
N GLU C 173 5.17 40.52 -31.04
CA GLU C 173 5.13 39.62 -32.19
C GLU C 173 5.80 38.26 -31.95
N TYR C 174 6.21 38.02 -30.70
CA TYR C 174 6.86 36.76 -30.35
C TYR C 174 5.84 35.65 -30.21
N TRP C 175 6.30 34.40 -30.21
CA TRP C 175 5.41 33.27 -30.07
C TRP C 175 5.03 33.08 -28.63
N ILE C 176 3.80 32.65 -28.41
CA ILE C 176 3.33 32.46 -27.06
C ILE C 176 3.19 30.99 -26.79
N GLY C 177 3.69 30.57 -25.64
CA GLY C 177 3.60 29.18 -25.26
C GLY C 177 2.48 29.03 -24.25
N LEU C 178 1.59 28.08 -24.52
CA LEU C 178 0.46 27.80 -23.62
C LEU C 178 0.66 26.49 -22.89
N THR C 179 0.99 26.58 -21.60
CA THR C 179 1.22 25.42 -20.80
C THR C 179 -0.06 24.96 -20.11
N VAL C 180 -0.46 23.71 -20.33
CA VAL C 180 -1.69 23.17 -19.74
C VAL C 180 -1.62 22.73 -18.27
N GLN C 181 -0.41 22.34 -17.83
CA GLN C 181 -0.15 21.90 -16.45
C GLN C 181 -0.96 20.69 -16.03
N ASP C 189 -5.73 26.36 -15.99
CA ASP C 189 -5.34 24.97 -16.14
C ASP C 189 -5.68 24.49 -17.56
N ALA C 190 -6.81 23.82 -17.73
CA ALA C 190 -7.22 23.30 -19.02
C ALA C 190 -8.14 24.27 -19.77
N ALA C 191 -8.51 25.34 -19.08
CA ALA C 191 -9.39 26.39 -19.60
C ALA C 191 -8.65 27.33 -20.53
N ARG C 192 -7.55 26.83 -21.10
CA ARG C 192 -6.73 27.63 -22.01
C ARG C 192 -7.26 27.51 -23.44
N ILE C 193 -8.07 26.48 -23.69
CA ILE C 193 -8.64 26.27 -25.01
C ILE C 193 -9.37 27.53 -25.49
N VAL C 194 -10.15 28.14 -24.60
CA VAL C 194 -10.89 29.35 -24.92
C VAL C 194 -9.93 30.45 -25.37
N ALA C 195 -8.67 30.34 -24.96
CA ALA C 195 -7.64 31.30 -25.31
C ALA C 195 -7.25 31.18 -26.77
N GLU C 196 -8.08 30.51 -27.55
CA GLU C 196 -7.83 30.33 -28.97
C GLU C 196 -8.49 31.45 -29.77
N HIS C 197 -9.00 32.46 -29.07
CA HIS C 197 -9.66 33.60 -29.69
C HIS C 197 -8.97 34.04 -30.99
N GLY C 198 -7.65 33.84 -31.04
CA GLY C 198 -6.88 34.22 -32.21
C GLY C 198 -6.18 33.05 -32.88
N GLU C 200 -1.92 33.58 -34.49
CA GLU C 200 -2.07 32.17 -34.17
C GLU C 200 -0.70 31.71 -33.76
N ARG C 201 -0.06 32.47 -32.88
CA ARG C 201 1.27 32.11 -32.43
C ARG C 201 1.26 31.40 -31.08
N PHE C 202 0.60 30.23 -31.05
CA PHE C 202 0.48 29.44 -29.85
C PHE C 202 1.11 28.03 -29.98
N LEU C 204 1.14 24.19 -27.60
CA LEU C 204 0.75 23.42 -26.43
C LEU C 204 1.96 22.71 -25.89
N ASN C 205 2.15 22.83 -24.58
CA ASN C 205 3.26 22.21 -23.88
C ASN C 205 2.79 21.75 -22.51
N SER C 206 3.06 20.50 -22.18
CA SER C 206 2.66 19.94 -20.89
C SER C 206 3.67 20.36 -19.83
N ASP C 207 4.93 20.50 -20.25
CA ASP C 207 6.00 20.87 -19.33
C ASP C 207 6.25 19.77 -18.28
N ALA C 208 5.97 18.51 -18.66
CA ALA C 208 6.15 17.37 -17.76
C ALA C 208 7.58 17.35 -17.20
N GLY C 209 7.71 17.74 -15.95
CA GLY C 209 9.02 17.77 -15.33
C GLY C 209 9.32 16.58 -14.43
N TYR C 210 10.02 16.86 -13.32
CA TYR C 210 10.39 15.82 -12.37
C TYR C 210 9.20 15.33 -11.53
N ARG C 211 8.23 16.21 -11.27
CA ARG C 211 7.01 15.87 -10.50
C ARG C 211 5.86 15.49 -11.46
N VAL C 218 -0.61 12.46 -15.39
CA VAL C 218 0.06 13.68 -14.92
C VAL C 218 0.76 14.36 -16.10
N ALA C 219 1.56 13.59 -16.82
CA ALA C 219 2.33 14.05 -17.96
C ALA C 219 1.61 13.90 -19.30
N GLU C 220 0.37 14.37 -19.35
CA GLU C 220 -0.41 14.26 -20.58
C GLU C 220 -1.44 15.38 -20.70
N ALA C 221 -0.96 16.60 -20.89
CA ALA C 221 -1.82 17.76 -21.04
C ALA C 221 -1.72 18.37 -22.44
N ALA C 222 -0.60 18.11 -23.13
CA ALA C 222 -0.38 18.62 -24.48
C ALA C 222 -1.27 17.94 -25.50
N VAL C 223 -2.29 17.24 -25.00
CA VAL C 223 -3.25 16.52 -25.86
C VAL C 223 -4.65 16.53 -25.27
N LYS C 224 -4.72 16.59 -23.94
CA LYS C 224 -6.02 16.62 -23.31
C LYS C 224 -6.76 17.85 -23.82
N ILE C 225 -6.16 19.02 -23.66
CA ILE C 225 -6.79 20.24 -24.14
C ILE C 225 -6.43 20.49 -25.62
N GLU C 226 -5.33 19.90 -26.08
CA GLU C 226 -4.90 20.06 -27.46
C GLU C 226 -5.99 19.49 -28.37
N GLU C 227 -6.88 18.72 -27.76
CA GLU C 227 -7.98 18.11 -28.49
C GLU C 227 -9.31 18.76 -28.11
N ALA C 228 -9.39 19.30 -26.90
CA ALA C 228 -10.60 19.95 -26.40
C ALA C 228 -11.15 20.94 -27.42
N VAL C 229 -10.26 21.48 -28.23
CA VAL C 229 -10.66 22.42 -29.27
C VAL C 229 -11.67 21.79 -30.25
N GLY C 230 -12.96 22.05 -30.03
CA GLY C 230 -13.99 21.52 -30.90
C GLY C 230 -13.82 22.08 -32.30
N ARG C 231 -13.06 23.16 -32.40
CA ARG C 231 -12.74 23.84 -33.66
C ARG C 231 -11.99 22.90 -34.62
N GLU C 232 -11.55 21.75 -34.09
CA GLU C 232 -10.81 20.70 -34.85
C GLU C 232 -9.89 21.26 -35.95
N GLU C 233 -9.51 20.36 -36.87
CA GLU C 233 -8.64 20.68 -38.02
C GLU C 233 -7.64 21.82 -37.77
N GLU C 235 -6.75 23.28 -35.27
CA GLU C 235 -5.92 22.92 -34.12
C GLU C 235 -4.53 22.42 -34.47
N LYS C 236 -4.39 21.86 -35.67
CA LYS C 236 -3.11 21.35 -36.15
C LYS C 236 -2.01 22.42 -36.05
N VAL C 237 -2.39 23.65 -35.77
CA VAL C 237 -1.40 24.72 -35.65
C VAL C 237 -1.17 25.16 -34.19
N ALA C 238 -1.45 24.26 -33.25
CA ALA C 238 -1.26 24.54 -31.83
C ALA C 238 -0.51 23.34 -31.26
N ARG C 239 -0.59 22.23 -31.99
CA ARG C 239 0.07 20.97 -31.66
C ARG C 239 1.33 20.78 -32.50
N GLU C 240 1.22 20.92 -33.82
CA GLU C 240 2.38 20.79 -34.71
C GLU C 240 2.74 22.12 -35.38
N ASN C 241 2.63 23.19 -34.60
CA ASN C 241 2.93 24.55 -35.05
C ASN C 241 4.28 24.92 -34.42
N ALA C 242 4.69 24.07 -33.48
CA ALA C 242 5.95 24.25 -32.79
C ALA C 242 7.06 23.68 -33.67
N ARG C 243 6.67 23.07 -34.79
CA ARG C 243 7.64 22.49 -35.71
C ARG C 243 8.19 23.59 -36.61
N LYS C 244 7.36 24.59 -36.88
CA LYS C 244 7.78 25.72 -37.69
C LYS C 244 8.79 26.51 -36.88
N PHE C 245 8.45 26.79 -35.63
CA PHE C 245 9.32 27.56 -34.73
C PHE C 245 10.66 26.88 -34.47
N LEU C 246 10.58 25.57 -34.27
CA LEU C 246 11.73 24.72 -34.00
C LEU C 246 12.35 24.19 -35.30
N ARG C 247 11.90 24.73 -36.43
CA ARG C 247 12.45 24.34 -37.72
C ARG C 247 12.76 22.83 -37.84
N VAL C 248 11.69 22.03 -37.95
CA VAL C 248 11.77 20.57 -38.07
C VAL C 248 10.75 20.05 -39.10
N TYR D 2 8.77 -2.86 2.71
CA TYR D 2 9.89 -3.60 2.05
C TYR D 2 11.04 -2.71 1.56
N PHE D 3 12.26 -3.11 1.87
CA PHE D 3 13.42 -2.33 1.45
C PHE D 3 13.97 -2.86 0.14
N ASP D 4 14.56 -1.95 -0.63
CA ASP D 4 15.14 -2.27 -1.93
C ASP D 4 16.42 -1.49 -2.13
N SER D 5 17.56 -2.14 -1.95
CA SER D 5 18.86 -1.49 -2.17
C SER D 5 19.06 -1.37 -3.67
N HIS D 6 20.07 -0.63 -4.09
CA HIS D 6 20.37 -0.46 -5.51
C HIS D 6 19.20 -0.16 -6.42
N LEU D 7 19.00 1.12 -6.62
CA LEU D 7 17.91 1.61 -7.41
C LEU D 7 18.20 3.04 -7.81
N HIS D 8 18.56 3.25 -9.08
CA HIS D 8 18.86 4.57 -9.60
C HIS D 8 17.65 5.49 -9.70
N SER D 9 17.60 6.52 -8.85
CA SER D 9 16.48 7.46 -8.81
C SER D 9 16.44 8.46 -9.94
N GLU D 10 17.61 9.00 -10.29
CA GLU D 10 17.72 9.97 -11.34
C GLU D 10 17.22 9.40 -12.67
N GLY D 11 16.85 8.13 -12.65
CA GLY D 11 16.33 7.48 -13.84
C GLY D 11 14.91 7.01 -13.67
N LEU D 12 14.25 7.52 -12.65
CA LEU D 12 12.86 7.19 -12.38
C LEU D 12 11.98 8.42 -12.34
N GLY D 13 10.74 8.25 -12.75
CA GLY D 13 9.81 9.35 -12.74
C GLY D 13 8.96 9.28 -11.50
N PHE D 14 8.34 10.40 -11.15
CA PHE D 14 7.48 10.46 -9.98
C PHE D 14 6.44 9.35 -10.05
N SER D 15 5.90 9.14 -11.25
CA SER D 15 4.89 8.11 -11.48
C SER D 15 5.49 6.77 -11.06
N GLU D 16 6.60 6.41 -11.72
CA GLU D 16 7.28 5.16 -11.41
C GLU D 16 7.59 5.06 -9.91
N LEU D 17 7.99 6.19 -9.34
CA LEU D 17 8.33 6.27 -7.92
C LEU D 17 7.13 5.87 -7.03
N VAL D 18 5.98 6.47 -7.30
CA VAL D 18 4.80 6.20 -6.53
C VAL D 18 4.37 4.76 -6.62
N LYS D 19 4.72 4.09 -7.71
CA LYS D 19 4.33 2.67 -7.88
C LYS D 19 5.02 1.86 -6.80
N LEU D 20 6.20 2.35 -6.41
CA LEU D 20 6.98 1.69 -5.40
C LEU D 20 6.25 1.83 -4.07
N LYS D 21 5.89 3.07 -3.73
CA LYS D 21 5.19 3.38 -2.49
C LYS D 21 4.01 2.44 -2.28
N GLU D 22 3.28 2.18 -3.36
CA GLU D 22 2.14 1.29 -3.29
C GLU D 22 2.48 -0.06 -3.86
N ASN D 23 3.21 -0.84 -3.08
CA ASN D 23 3.62 -2.17 -3.49
C ASN D 23 4.51 -2.73 -2.41
N GLY D 24 4.76 -1.91 -1.39
CA GLY D 24 5.60 -2.35 -0.31
C GLY D 24 6.97 -1.70 -0.30
N ILE D 25 7.58 -1.53 -1.48
CA ILE D 25 8.89 -0.91 -1.53
C ILE D 25 8.84 0.53 -1.05
N LYS D 26 8.74 0.72 0.26
CA LYS D 26 8.66 2.07 0.83
C LYS D 26 10.01 2.59 1.34
N GLU D 27 11.07 1.82 1.05
CA GLU D 27 12.44 2.14 1.45
C GLU D 27 13.39 1.70 0.37
N VAL D 28 14.17 2.64 -0.16
CA VAL D 28 15.09 2.30 -1.22
C VAL D 28 16.46 2.95 -0.99
N CYS D 29 17.45 2.48 -1.73
CA CYS D 29 18.81 3.01 -1.66
C CYS D 29 19.25 3.39 -3.07
N SER D 30 19.20 4.69 -3.38
CA SER D 30 19.58 5.18 -4.70
C SER D 30 21.09 5.41 -4.75
N LEU D 31 21.71 5.00 -5.85
CA LEU D 31 23.16 5.15 -6.02
C LEU D 31 23.53 6.16 -7.10
N ALA D 32 24.69 6.79 -6.96
CA ALA D 32 25.14 7.76 -7.94
C ALA D 32 25.58 7.11 -9.23
N PHE D 33 25.24 7.74 -10.36
CA PHE D 33 25.63 7.20 -11.66
C PHE D 33 25.29 8.15 -12.79
N PHE D 34 26.29 8.47 -13.61
CA PHE D 34 26.08 9.36 -14.74
C PHE D 34 26.08 8.56 -16.04
N PRO D 35 24.92 8.47 -16.72
CA PRO D 35 24.75 7.73 -17.98
C PRO D 35 25.67 8.11 -19.14
N VAL D 36 26.74 8.83 -18.83
CA VAL D 36 27.71 9.25 -19.83
C VAL D 36 29.02 9.59 -19.09
N LYS D 37 30.18 9.34 -19.70
CA LYS D 37 31.47 9.62 -19.06
C LYS D 37 31.75 11.12 -18.95
N PRO D 38 31.93 11.62 -17.72
CA PRO D 38 32.20 13.02 -17.43
C PRO D 38 33.40 13.60 -18.16
N LYS D 39 33.34 14.90 -18.42
CA LYS D 39 34.40 15.60 -19.10
C LYS D 39 35.23 16.29 -18.02
N TYR D 40 34.59 16.50 -16.87
CA TYR D 40 35.25 17.14 -15.73
C TYR D 40 34.86 16.39 -14.47
N PRO D 41 35.82 16.22 -13.53
CA PRO D 41 35.56 15.51 -12.28
C PRO D 41 34.58 16.23 -11.36
N GLN D 42 34.49 17.54 -11.52
CA GLN D 42 33.60 18.36 -10.70
C GLN D 42 32.12 18.09 -10.98
N THR D 43 31.83 17.62 -12.17
CA THR D 43 30.47 17.32 -12.51
C THR D 43 29.91 16.37 -11.47
N ILE D 45 30.48 15.88 -8.47
CA ILE D 45 30.12 16.57 -7.23
C ILE D 45 28.68 17.05 -7.30
N ASP D 46 28.34 17.74 -8.38
CA ASP D 46 27.00 18.27 -8.57
C ASP D 46 25.97 17.14 -8.66
N VAL D 47 26.32 16.07 -9.36
CA VAL D 47 25.42 14.94 -9.48
C VAL D 47 25.18 14.42 -8.09
N PHE D 48 26.15 14.66 -7.21
CA PHE D 48 26.05 14.23 -5.81
C PHE D 48 25.11 15.18 -5.08
N ARG D 49 25.34 16.47 -5.31
CA ARG D 49 24.54 17.53 -4.71
C ARG D 49 23.09 17.24 -5.05
N LYS D 50 22.83 16.98 -6.31
CA LYS D 50 21.48 16.69 -6.74
C LYS D 50 20.97 15.44 -6.07
N LEU D 51 21.84 14.44 -5.96
CA LEU D 51 21.49 13.14 -5.38
C LEU D 51 21.25 13.10 -3.86
N THR D 52 21.77 14.07 -3.12
CA THR D 52 21.58 14.03 -1.68
C THR D 52 20.83 15.24 -1.09
N GLU D 53 20.50 16.22 -1.93
CA GLU D 53 19.80 17.41 -1.48
C GLU D 53 18.49 17.64 -2.21
N PHE D 54 18.27 16.89 -3.28
CA PHE D 54 17.05 17.00 -4.08
C PHE D 54 16.32 15.68 -4.22
N GLU D 55 17.07 14.63 -4.52
CA GLU D 55 16.44 13.34 -4.72
C GLU D 55 15.68 12.82 -3.52
N PRO D 56 16.27 12.89 -2.31
CA PRO D 56 15.55 12.39 -1.14
C PRO D 56 14.15 13.03 -0.94
N LEU D 57 14.02 14.32 -1.27
CA LEU D 57 12.74 15.04 -1.17
C LEU D 57 11.78 14.54 -2.23
N ARG D 58 12.29 14.52 -3.45
CA ARG D 58 11.55 14.07 -4.61
C ARG D 58 10.96 12.69 -4.34
N CYS D 59 11.68 11.89 -3.56
CA CYS D 59 11.23 10.56 -3.23
C CYS D 59 10.22 10.54 -2.09
N GLU D 60 10.56 11.14 -0.96
CA GLU D 60 9.65 11.14 0.20
C GLU D 60 8.34 11.83 -0.12
N ALA D 61 8.37 12.68 -1.13
CA ALA D 61 7.17 13.38 -1.53
C ALA D 61 6.23 12.41 -2.23
N ALA D 62 6.76 11.24 -2.63
CA ALA D 62 5.98 10.21 -3.32
C ALA D 62 5.63 9.11 -2.34
N GLY D 63 6.22 9.20 -1.15
CA GLY D 63 5.96 8.21 -0.12
C GLY D 63 7.06 7.19 0.05
N VAL D 64 8.29 7.51 -0.32
CA VAL D 64 9.40 6.57 -0.19
C VAL D 64 10.64 7.22 0.45
N LYS D 65 11.16 6.58 1.49
CA LYS D 65 12.33 7.05 2.21
C LYS D 65 13.56 6.56 1.46
N HIS D 67 17.55 6.32 0.62
CA HIS D 67 18.84 6.43 1.27
C HIS D 67 19.85 6.56 0.12
N PRO D 68 20.36 7.79 -0.10
CA PRO D 68 21.32 8.10 -1.16
C PRO D 68 22.66 7.41 -0.95
N ALA D 69 23.37 7.16 -2.05
CA ALA D 69 24.68 6.54 -1.99
C ALA D 69 25.51 7.29 -3.03
N VAL D 70 26.76 7.60 -2.70
CA VAL D 70 27.62 8.35 -3.62
C VAL D 70 28.87 7.60 -4.01
N GLY D 71 29.46 7.93 -5.15
CA GLY D 71 30.67 7.24 -5.59
C GLY D 71 30.92 7.48 -7.05
N ILE D 72 31.81 6.69 -7.64
CA ILE D 72 32.11 6.85 -9.06
C ILE D 72 32.08 5.52 -9.83
N HIS D 73 31.04 5.34 -10.64
CA HIS D 73 30.86 4.15 -11.43
C HIS D 73 32.00 4.04 -12.41
N PRO D 74 32.44 2.81 -12.72
CA PRO D 74 33.55 2.59 -13.65
C PRO D 74 33.29 3.06 -15.09
N ARG D 75 32.04 3.05 -15.54
CA ARG D 75 31.72 3.46 -16.89
C ARG D 75 31.61 4.97 -17.04
N CYS D 76 31.99 5.70 -16.00
CA CYS D 76 31.94 7.15 -16.05
C CYS D 76 32.99 7.76 -15.13
N ILE D 77 34.22 7.32 -15.34
CA ILE D 77 35.37 7.79 -14.58
C ILE D 77 35.93 9.05 -15.24
N PRO D 78 35.70 10.21 -14.62
CA PRO D 78 36.18 11.50 -15.15
C PRO D 78 37.70 11.51 -15.09
N PRO D 79 38.34 12.41 -15.85
CA PRO D 79 39.80 12.46 -15.85
C PRO D 79 40.43 12.56 -14.48
N ASP D 80 40.38 13.75 -13.89
CA ASP D 80 40.98 13.94 -12.59
C ASP D 80 40.11 13.37 -11.48
N TYR D 81 39.86 12.06 -11.53
CA TYR D 81 39.01 11.39 -10.54
C TYR D 81 39.49 11.66 -9.12
N GLU D 82 40.73 12.12 -9.03
CA GLU D 82 41.35 12.46 -7.76
C GLU D 82 40.50 13.58 -7.15
N PHE D 83 40.06 14.49 -8.01
CA PHE D 83 39.26 15.61 -7.58
C PHE D 83 37.93 15.21 -6.92
N VAL D 84 37.39 14.06 -7.29
CA VAL D 84 36.11 13.61 -6.73
C VAL D 84 36.26 12.93 -5.37
N LEU D 85 37.45 12.42 -5.07
CA LEU D 85 37.71 11.75 -3.79
C LEU D 85 37.98 12.78 -2.69
N GLY D 86 38.41 13.97 -3.10
CA GLY D 86 38.68 15.03 -2.13
C GLY D 86 37.36 15.49 -1.49
N TYR D 87 36.41 15.88 -2.33
CA TYR D 87 35.09 16.31 -1.88
C TYR D 87 34.47 15.22 -1.02
N LEU D 88 34.71 13.98 -1.40
CA LEU D 88 34.20 12.85 -0.68
C LEU D 88 34.79 12.75 0.71
N GLU D 89 36.12 12.81 0.79
CA GLU D 89 36.79 12.69 2.07
C GLU D 89 36.42 13.80 3.03
N GLU D 90 35.46 14.62 2.61
CA GLU D 90 34.99 15.69 3.45
C GLU D 90 33.60 15.38 3.98
N GLY D 91 32.56 15.74 3.23
CA GLY D 91 31.20 15.48 3.67
C GLY D 91 30.97 14.08 4.24
N GLU D 92 30.00 13.96 5.15
CA GLU D 92 29.67 12.68 5.79
C GLU D 92 28.76 11.90 4.87
N TRP D 93 28.91 10.58 4.79
CA TRP D 93 28.06 9.83 3.89
C TRP D 93 27.36 8.62 4.49
N VAL D 94 26.29 8.18 3.82
CA VAL D 94 25.48 7.02 4.22
C VAL D 94 26.06 5.73 3.63
N ALA D 95 26.64 5.82 2.43
CA ALA D 95 27.22 4.66 1.75
C ALA D 95 27.74 5.03 0.37
N PHE D 96 28.71 4.25 -0.09
CA PHE D 96 29.32 4.45 -1.40
C PHE D 96 28.65 3.58 -2.43
N GLY D 97 27.80 4.21 -3.24
CA GLY D 97 27.05 3.50 -4.25
C GLY D 97 27.61 3.47 -5.65
N GLU D 98 27.40 2.31 -6.30
CA GLU D 98 27.85 2.01 -7.66
C GLU D 98 29.32 2.26 -7.94
N ILE D 99 30.13 1.30 -7.50
CA ILE D 99 31.55 1.37 -7.73
C ILE D 99 32.01 -0.05 -8.09
N GLY D 100 33.07 -0.14 -8.88
CA GLY D 100 33.55 -1.46 -9.25
C GLY D 100 34.39 -1.47 -10.51
N LEU D 101 34.58 -2.68 -11.01
CA LEU D 101 35.36 -2.90 -12.21
C LEU D 101 34.37 -3.31 -13.31
N GLU D 102 34.81 -3.17 -14.55
CA GLU D 102 34.01 -3.47 -15.73
C GLU D 102 34.86 -4.17 -16.77
N LEU D 103 35.89 -3.48 -17.24
CA LEU D 103 36.80 -4.03 -18.23
C LEU D 103 38.15 -4.36 -17.59
N VAL D 104 38.13 -4.61 -16.29
CA VAL D 104 39.33 -4.91 -15.53
C VAL D 104 40.48 -3.97 -15.79
N THR D 105 40.21 -2.85 -16.46
CA THR D 105 41.24 -1.85 -16.76
C THR D 105 41.97 -1.46 -15.49
N ASP D 106 43.23 -1.08 -15.62
CA ASP D 106 43.97 -0.67 -14.45
C ASP D 106 43.35 0.62 -13.88
N GLU D 107 42.79 1.42 -14.78
CA GLU D 107 42.14 2.69 -14.42
C GLU D 107 41.01 2.48 -13.42
N GLU D 108 40.24 1.42 -13.63
CA GLU D 108 39.15 1.15 -12.71
C GLU D 108 39.77 0.77 -11.39
N ILE D 109 40.68 -0.21 -11.44
CA ILE D 109 41.34 -0.72 -10.25
C ILE D 109 41.76 0.43 -9.35
N GLU D 110 42.33 1.46 -9.95
CA GLU D 110 42.78 2.62 -9.19
C GLU D 110 41.60 3.43 -8.65
N VAL D 111 40.61 3.69 -9.50
CA VAL D 111 39.43 4.44 -9.09
C VAL D 111 38.62 3.58 -8.12
N LEU D 112 38.69 2.27 -8.28
CA LEU D 112 37.94 1.35 -7.40
C LEU D 112 38.65 1.21 -6.07
N LYS D 113 39.96 0.98 -6.13
CA LYS D 113 40.77 0.81 -4.94
C LYS D 113 40.75 2.09 -4.13
N SER D 114 41.12 3.19 -4.77
CA SER D 114 41.15 4.49 -4.12
C SER D 114 39.88 4.74 -3.31
N GLN D 115 38.73 4.26 -3.81
CA GLN D 115 37.49 4.44 -3.09
C GLN D 115 37.35 3.46 -1.92
N LEU D 116 37.31 2.15 -2.23
CA LEU D 116 37.19 1.15 -1.19
C LEU D 116 38.22 1.38 -0.12
N GLU D 117 39.35 1.95 -0.51
CA GLU D 117 40.41 2.24 0.44
C GLU D 117 39.89 3.31 1.40
N LEU D 118 39.55 4.48 0.85
CA LEU D 118 39.04 5.59 1.65
C LEU D 118 37.88 5.13 2.54
N ALA D 119 37.01 4.31 1.96
CA ALA D 119 35.85 3.76 2.65
C ALA D 119 36.25 3.10 3.96
N LYS D 120 37.41 2.46 3.97
CA LYS D 120 37.89 1.79 5.16
C LYS D 120 38.30 2.83 6.19
N ARG D 121 38.65 4.03 5.76
CA ARG D 121 39.05 5.04 6.71
C ARG D 121 37.87 5.81 7.27
N ASP D 123 34.77 4.10 7.51
CA ASP D 123 33.86 3.07 7.96
C ASP D 123 32.47 3.32 7.36
N VAL D 124 32.43 3.37 6.03
CA VAL D 124 31.20 3.54 5.29
C VAL D 124 31.05 2.40 4.33
N PRO D 125 29.85 1.85 4.25
CA PRO D 125 29.55 0.71 3.36
C PRO D 125 29.74 0.99 1.85
N CYS D 126 29.92 -0.07 1.08
CA CYS D 126 30.11 0.02 -0.36
C CYS D 126 29.25 -1.00 -1.13
N ILE D 127 28.67 -0.58 -2.25
CA ILE D 127 27.86 -1.49 -3.04
C ILE D 127 28.64 -1.75 -4.33
N ILE D 128 29.57 -2.70 -4.31
CA ILE D 128 30.35 -3.03 -5.50
C ILE D 128 29.45 -3.62 -6.56
N HIS D 129 29.69 -3.28 -7.81
CA HIS D 129 28.86 -3.82 -8.85
C HIS D 129 29.60 -4.83 -9.73
N THR D 130 28.94 -5.95 -9.98
CA THR D 130 29.51 -7.01 -10.80
C THR D 130 29.07 -6.91 -12.27
N PRO D 131 30.05 -6.78 -13.18
CA PRO D 131 29.80 -6.66 -14.62
C PRO D 131 28.86 -7.74 -15.20
N ARG D 132 28.20 -7.41 -16.30
CA ARG D 132 27.30 -8.33 -16.95
C ARG D 132 28.04 -9.24 -17.93
N GLY D 133 29.17 -8.73 -18.43
CA GLY D 133 29.96 -9.50 -19.38
C GLY D 133 30.76 -10.62 -18.74
N ASN D 134 31.90 -10.24 -18.14
CA ASN D 134 32.77 -11.20 -17.48
C ASN D 134 32.35 -11.27 -16.01
N LYS D 135 31.05 -11.43 -15.77
CA LYS D 135 30.51 -11.51 -14.42
C LYS D 135 31.19 -12.59 -13.58
N LEU D 136 32.18 -13.30 -14.15
CA LEU D 136 32.92 -14.37 -13.44
C LEU D 136 34.42 -14.08 -13.47
N LYS D 137 34.88 -13.51 -14.57
CA LYS D 137 36.29 -13.21 -14.69
C LYS D 137 36.57 -11.90 -13.97
N ALA D 138 35.52 -11.08 -13.84
CA ALA D 138 35.60 -9.78 -13.20
C ALA D 138 35.44 -9.79 -11.68
N THR D 139 34.40 -10.49 -11.21
CA THR D 139 34.12 -10.60 -9.78
C THR D 139 35.32 -11.20 -9.04
N ARG D 140 36.10 -12.03 -9.75
CA ARG D 140 37.28 -12.62 -9.15
C ARG D 140 38.21 -11.48 -8.79
N LYS D 141 38.61 -10.70 -9.79
CA LYS D 141 39.50 -9.56 -9.56
C LYS D 141 38.97 -8.67 -8.42
N THR D 142 37.68 -8.36 -8.49
CA THR D 142 37.02 -7.55 -7.49
C THR D 142 37.22 -8.19 -6.12
N LEU D 143 36.83 -9.45 -6.03
CA LEU D 143 36.97 -10.20 -4.82
C LEU D 143 38.45 -10.31 -4.50
N GLU D 144 39.31 -10.09 -5.49
CA GLU D 144 40.73 -10.17 -5.22
C GLU D 144 41.23 -8.85 -4.64
N ILE D 145 40.80 -7.73 -5.24
CA ILE D 145 41.20 -6.41 -4.77
C ILE D 145 40.65 -6.24 -3.36
N LEU D 146 39.38 -6.58 -3.22
CA LEU D 146 38.71 -6.46 -1.95
C LEU D 146 39.42 -7.28 -0.86
N GLU D 147 40.14 -8.31 -1.30
CA GLU D 147 40.88 -9.20 -0.41
C GLU D 147 42.08 -8.50 0.21
N SER D 148 42.97 -8.02 -0.66
CA SER D 148 44.18 -7.34 -0.23
C SER D 148 43.95 -6.26 0.82
N LEU D 149 43.08 -5.30 0.52
CA LEU D 149 42.78 -4.22 1.46
C LEU D 149 42.27 -4.76 2.80
N ASP D 150 42.00 -6.05 2.85
CA ASP D 150 41.49 -6.66 4.07
C ASP D 150 40.22 -5.91 4.44
N PHE D 151 39.34 -5.74 3.47
CA PHE D 151 38.08 -5.03 3.69
C PHE D 151 37.17 -5.85 4.60
N PRO D 152 36.69 -5.24 5.70
CA PRO D 152 35.81 -5.97 6.61
C PRO D 152 34.53 -6.50 5.93
N ALA D 153 34.21 -7.76 6.20
CA ALA D 153 33.05 -8.41 5.60
C ALA D 153 31.72 -7.81 6.01
N ASP D 154 31.75 -6.57 6.50
CA ASP D 154 30.51 -5.93 6.88
C ASP D 154 30.45 -4.51 6.37
N LEU D 155 31.17 -4.26 5.30
CA LEU D 155 31.16 -2.92 4.76
C LEU D 155 31.08 -2.97 3.26
N ALA D 156 30.88 -4.17 2.73
CA ALA D 156 30.80 -4.34 1.29
C ALA D 156 29.75 -5.35 0.90
N VAL D 157 29.17 -5.14 -0.26
CA VAL D 157 28.15 -6.05 -0.74
C VAL D 157 28.28 -6.23 -2.21
N ILE D 158 28.58 -7.46 -2.62
CA ILE D 158 28.71 -7.78 -4.04
C ILE D 158 27.30 -7.82 -4.60
N ASP D 159 27.09 -7.12 -5.70
CA ASP D 159 25.77 -7.04 -6.30
C ASP D 159 25.67 -7.70 -7.68
N HIS D 160 24.45 -7.99 -8.12
CA HIS D 160 24.24 -8.63 -9.41
C HIS D 160 24.97 -9.96 -9.38
N VAL D 161 24.84 -10.64 -8.26
CA VAL D 161 25.47 -11.95 -8.06
C VAL D 161 24.61 -12.93 -8.87
N ASN D 162 25.07 -13.27 -10.07
CA ASN D 162 24.33 -14.16 -10.94
C ASN D 162 24.35 -15.62 -10.49
N PHE D 163 23.42 -16.43 -11.02
CA PHE D 163 23.32 -17.85 -10.68
C PHE D 163 24.63 -18.63 -10.80
N GLU D 164 25.44 -18.30 -11.82
CA GLU D 164 26.71 -18.98 -12.04
C GLU D 164 27.90 -18.22 -11.49
N THR D 165 27.85 -17.91 -10.21
CA THR D 165 28.95 -17.19 -9.58
C THR D 165 28.65 -17.03 -8.09
N LEU D 166 27.44 -17.44 -7.70
CA LEU D 166 27.01 -17.36 -6.31
C LEU D 166 27.87 -18.22 -5.40
N ASP D 167 28.62 -19.14 -6.00
CA ASP D 167 29.50 -20.01 -5.23
C ASP D 167 30.81 -19.28 -4.95
N VAL D 169 31.45 -15.90 -4.64
CA VAL D 169 31.30 -14.90 -3.60
C VAL D 169 30.94 -15.54 -2.24
N LEU D 170 30.41 -16.76 -2.26
CA LEU D 170 30.08 -17.46 -1.02
C LEU D 170 31.35 -17.86 -0.29
N GLU D 171 32.39 -18.17 -1.06
CA GLU D 171 33.69 -18.55 -0.50
C GLU D 171 34.27 -17.35 0.26
N THR D 172 33.47 -16.29 0.38
CA THR D 172 33.87 -15.11 1.10
C THR D 172 32.85 -14.83 2.18
N GLU D 173 33.12 -13.78 2.94
CA GLU D 173 32.25 -13.37 4.04
C GLU D 173 31.49 -12.06 3.77
N TYR D 174 31.62 -11.53 2.56
CA TYR D 174 30.94 -10.30 2.19
C TYR D 174 29.46 -10.57 1.92
N TRP D 175 28.66 -9.51 1.87
CA TRP D 175 27.23 -9.65 1.62
C TRP D 175 26.99 -9.81 0.14
N ILE D 176 26.00 -10.62 -0.18
CA ILE D 176 25.70 -10.86 -1.57
C ILE D 176 24.42 -10.17 -1.93
N GLY D 177 24.43 -9.46 -3.06
CA GLY D 177 23.25 -8.76 -3.52
C GLY D 177 22.59 -9.57 -4.61
N LEU D 178 21.30 -9.84 -4.46
CA LEU D 178 20.55 -10.58 -5.45
C LEU D 178 19.62 -9.69 -6.23
N THR D 179 19.98 -9.43 -7.49
CA THR D 179 19.18 -8.59 -8.34
C THR D 179 18.16 -9.39 -9.15
N VAL D 180 16.89 -9.05 -9.03
CA VAL D 180 15.82 -9.78 -9.73
C VAL D 180 15.62 -9.41 -11.20
N GLN D 181 15.97 -8.17 -11.55
CA GLN D 181 15.87 -7.67 -12.94
C GLN D 181 14.46 -7.66 -13.49
N ASP D 189 16.67 -14.77 -13.63
CA ASP D 189 15.69 -13.70 -13.50
C ASP D 189 15.01 -13.79 -12.12
N ALA D 190 13.81 -14.37 -12.07
CA ALA D 190 13.05 -14.49 -10.83
C ALA D 190 13.28 -15.82 -10.12
N ALA D 191 14.05 -16.69 -10.76
CA ALA D 191 14.41 -18.01 -10.26
C ALA D 191 15.54 -17.92 -9.23
N ARG D 192 15.66 -16.76 -8.60
CA ARG D 192 16.69 -16.54 -7.62
C ARG D 192 16.19 -16.95 -6.25
N ILE D 193 14.87 -17.09 -6.13
CA ILE D 193 14.27 -17.49 -4.85
C ILE D 193 14.89 -18.80 -4.35
N VAL D 194 15.06 -19.77 -5.27
CA VAL D 194 15.65 -21.05 -4.92
C VAL D 194 17.06 -20.85 -4.34
N ALA D 195 17.67 -19.71 -4.67
CA ALA D 195 19.00 -19.37 -4.18
C ALA D 195 18.98 -19.01 -2.71
N GLU D 196 17.91 -19.39 -2.02
CA GLU D 196 17.78 -19.12 -0.60
C GLU D 196 18.29 -20.31 0.21
N HIS D 197 18.93 -21.26 -0.49
CA HIS D 197 19.49 -22.47 0.12
C HIS D 197 20.11 -22.16 1.50
N GLY D 198 20.65 -20.96 1.65
CA GLY D 198 21.27 -20.56 2.91
C GLY D 198 20.61 -19.36 3.55
N GLU D 200 23.22 -16.13 5.44
CA GLU D 200 21.98 -15.45 5.06
C GLU D 200 22.38 -14.03 4.76
N ARG D 201 23.42 -13.89 3.95
CA ARG D 201 23.86 -12.56 3.60
C ARG D 201 23.37 -12.15 2.22
N PHE D 202 22.04 -12.06 2.09
CA PHE D 202 21.40 -11.69 0.84
C PHE D 202 20.53 -10.42 0.94
N LEU D 204 17.55 -8.23 -1.64
CA LEU D 204 16.79 -8.11 -2.86
C LEU D 204 16.89 -6.67 -3.36
N ASN D 205 17.20 -6.54 -4.65
CA ASN D 205 17.32 -5.25 -5.28
C ASN D 205 16.79 -5.34 -6.71
N SER D 206 15.90 -4.44 -7.08
CA SER D 206 15.35 -4.43 -8.42
C SER D 206 16.34 -3.77 -9.35
N ASP D 207 17.08 -2.79 -8.84
CA ASP D 207 18.07 -2.05 -9.64
C ASP D 207 17.36 -1.21 -10.72
N ALA D 208 16.12 -0.80 -10.44
CA ALA D 208 15.33 0.02 -11.37
C ALA D 208 16.10 1.24 -11.85
N GLY D 209 16.62 1.16 -13.07
CA GLY D 209 17.40 2.26 -13.63
C GLY D 209 16.64 3.21 -14.55
N TYR D 210 17.33 3.67 -15.59
CA TYR D 210 16.75 4.60 -16.53
C TYR D 210 15.78 3.91 -17.50
N ARG D 211 16.00 2.62 -17.80
CA ARG D 211 15.11 1.83 -18.68
C ARG D 211 14.11 1.00 -17.84
N VAL D 218 7.80 -2.95 -14.53
CA VAL D 218 9.22 -3.02 -14.88
C VAL D 218 10.08 -2.84 -13.64
N ALA D 219 9.77 -1.79 -12.87
CA ALA D 219 10.49 -1.43 -11.65
C ALA D 219 9.84 -2.00 -10.41
N GLU D 220 9.59 -3.30 -10.40
CA GLU D 220 8.97 -3.94 -9.24
C GLU D 220 9.34 -5.40 -9.15
N ALA D 221 10.61 -5.67 -8.86
CA ALA D 221 11.10 -7.03 -8.73
C ALA D 221 11.56 -7.32 -7.29
N ALA D 222 11.88 -6.27 -6.54
CA ALA D 222 12.34 -6.42 -5.14
C ALA D 222 11.19 -6.83 -4.24
N VAL D 223 10.09 -7.29 -4.83
CA VAL D 223 8.90 -7.72 -4.08
C VAL D 223 8.21 -8.89 -4.77
N LYS D 224 8.31 -8.93 -6.10
CA LYS D 224 7.70 -10.02 -6.84
C LYS D 224 8.30 -11.31 -6.31
N ILE D 225 9.63 -11.43 -6.36
CA ILE D 225 10.27 -12.62 -5.87
C ILE D 225 10.54 -12.52 -4.37
N GLU D 226 10.61 -11.28 -3.87
CA GLU D 226 10.84 -11.05 -2.45
C GLU D 226 9.69 -11.69 -1.66
N GLU D 227 8.63 -12.02 -2.37
CA GLU D 227 7.48 -12.64 -1.75
C GLU D 227 7.34 -14.10 -2.19
N ALA D 228 7.86 -14.42 -3.37
CA ALA D 228 7.80 -15.77 -3.92
C ALA D 228 8.23 -16.81 -2.88
N VAL D 229 9.10 -16.39 -1.98
CA VAL D 229 9.59 -17.26 -0.92
C VAL D 229 8.44 -17.80 -0.05
N GLY D 230 7.97 -19.00 -0.38
CA GLY D 230 6.90 -19.61 0.39
C GLY D 230 7.37 -19.81 1.82
N ARG D 231 8.69 -19.78 2.02
CA ARG D 231 9.32 -19.93 3.34
C ARG D 231 8.84 -18.84 4.32
N GLU D 232 8.16 -17.82 3.77
CA GLU D 232 7.61 -16.68 4.52
C GLU D 232 8.44 -16.24 5.73
N GLU D 233 7.82 -15.43 6.61
CA GLU D 233 8.46 -14.91 7.83
C GLU D 233 9.99 -14.67 7.75
N GLU D 235 11.91 -14.63 5.39
CA GLU D 235 12.16 -13.69 4.28
C GLU D 235 12.45 -12.26 4.72
N LYS D 236 11.93 -11.88 5.88
CA LYS D 236 12.15 -10.56 6.42
C LYS D 236 13.65 -10.23 6.45
N VAL D 237 14.50 -11.22 6.20
CA VAL D 237 15.93 -10.96 6.23
C VAL D 237 16.54 -10.96 4.81
N ALA D 238 15.70 -10.66 3.82
CA ALA D 238 16.17 -10.58 2.43
C ALA D 238 15.60 -9.28 1.86
N ARG D 239 14.57 -8.79 2.54
CA ARG D 239 13.90 -7.55 2.18
C ARG D 239 14.36 -6.42 3.08
N GLU D 240 14.29 -6.63 4.40
CA GLU D 240 14.73 -5.62 5.37
C GLU D 240 16.00 -6.06 6.13
N ASN D 241 16.91 -6.69 5.40
CA ASN D 241 18.18 -7.18 5.93
C ASN D 241 19.25 -6.24 5.40
N ALA D 242 18.84 -5.39 4.47
CA ALA D 242 19.73 -4.42 3.89
C ALA D 242 19.76 -3.21 4.82
N ARG D 243 18.94 -3.24 5.88
CA ARG D 243 18.91 -2.14 6.83
C ARG D 243 20.05 -2.29 7.83
N LYS D 244 20.45 -3.54 8.09
CA LYS D 244 21.54 -3.82 9.00
C LYS D 244 22.82 -3.37 8.33
N PHE D 245 22.98 -3.75 7.07
CA PHE D 245 24.17 -3.39 6.27
C PHE D 245 24.31 -1.88 6.06
N LEU D 246 23.17 -1.26 5.78
CA LEU D 246 23.08 0.16 5.55
C LEU D 246 22.87 0.90 6.85
N ARG D 247 22.75 0.15 7.94
CA ARG D 247 22.58 0.75 9.26
C ARG D 247 21.51 1.83 9.36
N VAL D 248 20.26 1.39 9.53
CA VAL D 248 19.13 2.30 9.63
C VAL D 248 17.89 1.53 10.09
#